data_8VKJ
#
_entry.id   8VKJ
#
_cell.length_a   1.00
_cell.length_b   1.00
_cell.length_c   1.00
_cell.angle_alpha   90.00
_cell.angle_beta   90.00
_cell.angle_gamma   90.00
#
_symmetry.space_group_name_H-M   'P 1'
#
loop_
_entity.id
_entity.type
_entity.pdbx_description
1 polymer 'Heparan-alpha-glucosaminide N-acetyltransferase'
2 branched 2-acetamido-2-deoxy-beta-D-glucopyranose-(1-4)-2-acetamido-2-deoxy-beta-D-glucopyranose
3 non-polymer 2-acetamido-2-deoxy-beta-D-glucopyranose
4 non-polymer 'ACETYL COENZYME *A'
#
_entity_poly.entity_id   1
_entity_poly.type   'polypeptide(L)'
_entity_poly.pdbx_seq_one_letter_code
;MTGARASAAEQRRAGRSGQARAAERAAGMSGAGRALAALLLAASVLSAALLAPGGSSGRDAQAAPPRDLDKKRHAELKMD
QALLLIHNELLWTNLTVYWKSECCYHCLFQVLVNVPQSPKAGKPSAAAASVSTQHGSILQLNDTLEEKEVCRLEYRFGEF
GNYSLLVKNIHNGVSEIACDLAVNEDPVDSNLPVSIAFLIGLAVIIVISFLRLLLSLDDFNNWISKAISSRETDRLINSE
LGSPSRTDPLDGDVQPATWRLSALPPRLRSVDTFRGIALILMVFVNYGGGKYWYFKHASWNGLTVADLVFPWFVFIMGSS
IFLSMTSILQRGCSKFRLLGKIAWRSFLLICIGIIIVNPNYCLGPLSWDKVRIPGVLQRLGVTYFVVAVLELLFAKPVPE
HCASERSCLSLRDITSSWPQWLLILVLEGLWLGLTFLLPVPGCPTGYLGPGGIGDFGKYPNCTGGAAGYIDRLLLGDDHL
YQHPSSAVLYHTEVAYDPEGILGTINSIVMAFLGVQAGKILLYYKARTKDILIRFTAWCCILGLISVALTKVSENEGFIP
VNKNLWSLSYVTTLSSFAFFILLVLYPVVDVKGLWTGTPFFYPGMNSILVYVGHEVFENYFPFQWKLKDNQSHKEHLTQN
IVATALWVLIAYILYRKKIFWKI
;
_entity_poly.pdbx_strand_id   A,B
#
loop_
_chem_comp.id
_chem_comp.type
_chem_comp.name
_chem_comp.formula
ACO non-polymer 'ACETYL COENZYME *A' 'C23 H38 N7 O17 P3 S'
NAG D-saccharide, beta linking 2-acetamido-2-deoxy-beta-D-glucopyranose 'C8 H15 N O6'
#
# COMPACT_ATOMS: atom_id res chain seq x y z
N GLU A 76 -23.61 -13.13 15.98
CA GLU A 76 -24.47 -12.59 17.02
C GLU A 76 -23.71 -11.62 17.92
N LEU A 77 -22.69 -12.13 18.61
CA LEU A 77 -21.87 -11.34 19.51
C LEU A 77 -20.54 -11.03 18.85
N LYS A 78 -20.13 -9.76 18.93
CA LYS A 78 -18.84 -9.35 18.40
C LYS A 78 -17.72 -9.77 19.35
N MET A 79 -16.49 -9.45 18.98
CA MET A 79 -15.34 -9.80 19.80
C MET A 79 -15.33 -8.98 21.09
N ASP A 80 -14.99 -9.64 22.18
CA ASP A 80 -14.92 -9.02 23.51
C ASP A 80 -16.25 -8.35 23.86
N GLN A 81 -17.32 -9.10 23.72
CA GLN A 81 -18.66 -8.55 23.94
C GLN A 81 -19.58 -9.68 24.39
N ALA A 82 -20.00 -9.65 25.65
CA ALA A 82 -20.92 -10.63 26.19
C ALA A 82 -22.35 -10.28 25.80
N LEU A 83 -23.29 -11.12 26.21
CA LEU A 83 -24.72 -10.88 26.03
C LEU A 83 -25.36 -10.79 27.41
N LEU A 84 -26.02 -9.67 27.69
CA LEU A 84 -26.67 -9.44 28.97
C LEU A 84 -28.17 -9.40 28.73
N LEU A 85 -28.88 -10.41 29.24
CA LEU A 85 -30.32 -10.46 29.19
C LEU A 85 -30.87 -9.90 30.50
N ILE A 86 -31.81 -8.96 30.39
CA ILE A 86 -32.30 -8.22 31.54
C ILE A 86 -33.80 -8.49 31.63
N HIS A 87 -34.20 -9.39 32.52
CA HIS A 87 -35.60 -9.70 32.76
C HIS A 87 -36.11 -8.80 33.87
N ASN A 88 -37.09 -7.96 33.56
CA ASN A 88 -37.66 -7.01 34.52
C ASN A 88 -39.00 -7.55 34.98
N GLU A 89 -39.03 -8.10 36.19
CA GLU A 89 -40.25 -8.66 36.76
C GLU A 89 -41.08 -7.63 37.52
N LEU A 90 -40.59 -6.40 37.67
CA LEU A 90 -41.34 -5.37 38.35
C LEU A 90 -42.52 -4.91 37.51
N LEU A 91 -43.61 -4.53 38.17
CA LEU A 91 -44.86 -4.24 37.49
C LEU A 91 -45.03 -2.77 37.15
N TRP A 92 -44.59 -1.86 38.03
CA TRP A 92 -44.90 -0.44 37.89
C TRP A 92 -43.65 0.41 37.92
N THR A 93 -42.58 -0.03 37.26
CA THR A 93 -41.35 0.76 37.16
C THR A 93 -40.74 0.55 35.79
N ASN A 94 -40.61 1.64 35.03
CA ASN A 94 -39.75 1.61 33.85
C ASN A 94 -38.31 1.35 34.29
N LEU A 95 -37.56 0.64 33.47
CA LEU A 95 -36.19 0.28 33.81
C LEU A 95 -35.26 0.69 32.68
N THR A 96 -34.25 1.48 33.01
CA THR A 96 -33.15 1.79 32.11
C THR A 96 -31.84 1.37 32.78
N VAL A 97 -30.94 0.80 31.99
CA VAL A 97 -29.70 0.24 32.49
C VAL A 97 -28.54 1.04 31.93
N TYR A 98 -27.66 1.49 32.81
CA TYR A 98 -26.47 2.24 32.43
C TYR A 98 -25.23 1.39 32.64
N TRP A 99 -24.23 1.62 31.81
CA TRP A 99 -23.01 0.84 31.82
C TRP A 99 -21.79 1.75 31.73
N LYS A 100 -20.76 1.44 32.51
CA LYS A 100 -19.46 2.09 32.35
C LYS A 100 -18.38 1.08 32.72
N SER A 101 -17.22 1.24 32.10
CA SER A 101 -16.10 0.35 32.37
C SER A 101 -15.45 0.70 33.70
N GLU A 102 -14.68 -0.25 34.23
CA GLU A 102 -13.86 0.03 35.40
C GLU A 102 -12.54 0.70 35.06
N CYS A 103 -12.16 0.69 33.77
CA CYS A 103 -10.95 1.39 33.36
C CYS A 103 -11.14 2.90 33.27
N CYS A 104 -12.36 3.36 33.03
CA CYS A 104 -12.65 4.79 33.10
C CYS A 104 -12.31 5.34 34.47
N TYR A 105 -11.68 6.52 34.48
CA TYR A 105 -11.45 7.21 35.74
C TYR A 105 -12.73 7.84 36.26
N HIS A 106 -13.26 8.81 35.53
CA HIS A 106 -14.54 9.44 35.86
C HIS A 106 -15.33 9.55 34.57
N CYS A 107 -16.04 8.50 34.23
CA CYS A 107 -16.84 8.46 33.00
C CYS A 107 -18.31 8.58 33.33
N LEU A 108 -19.06 9.13 32.38
CA LEU A 108 -20.50 9.14 32.49
C LEU A 108 -21.05 7.73 32.29
N PHE A 109 -22.24 7.50 32.83
CA PHE A 109 -22.91 6.20 32.69
C PHE A 109 -23.65 6.21 31.35
N GLN A 110 -23.10 5.50 30.38
CA GLN A 110 -23.76 5.39 29.09
C GLN A 110 -25.03 4.53 29.20
N VAL A 111 -26.00 4.83 28.35
CA VAL A 111 -27.23 4.05 28.32
C VAL A 111 -26.92 2.71 27.66
N LEU A 112 -27.21 1.61 28.38
CA LEU A 112 -27.00 0.28 27.84
C LEU A 112 -28.25 -0.19 27.09
N VAL A 113 -29.38 -0.24 27.78
CA VAL A 113 -30.65 -0.60 27.17
C VAL A 113 -31.76 -0.17 28.12
N ASN A 114 -32.94 0.09 27.55
CA ASN A 114 -34.12 0.47 28.32
C ASN A 114 -35.07 -0.71 28.35
N VAL A 115 -35.40 -1.18 29.54
CA VAL A 115 -36.18 -2.40 29.72
C VAL A 115 -37.58 -2.00 30.19
N PRO A 116 -38.63 -2.30 29.43
CA PRO A 116 -40.00 -1.97 29.86
C PRO A 116 -40.42 -2.83 31.05
N GLN A 117 -41.46 -2.37 31.72
CA GLN A 117 -42.01 -3.09 32.87
C GLN A 117 -42.80 -4.31 32.41
N SER A 118 -42.98 -5.25 33.33
CA SER A 118 -43.70 -6.48 33.02
C SER A 118 -45.19 -6.20 32.88
N PRO A 119 -45.81 -6.57 31.75
CA PRO A 119 -47.26 -6.32 31.60
C PRO A 119 -48.11 -7.01 32.64
N LYS A 120 -47.70 -8.20 33.10
CA LYS A 120 -48.44 -8.92 34.12
C LYS A 120 -47.48 -9.74 34.95
N ALA A 121 -47.92 -10.10 36.15
CA ALA A 121 -47.09 -10.89 37.05
C ALA A 121 -46.85 -12.28 36.47
N GLY A 122 -45.60 -12.74 36.56
CA GLY A 122 -45.22 -14.03 36.02
C GLY A 122 -44.75 -14.00 34.58
N LYS A 123 -44.84 -12.86 33.91
CA LYS A 123 -44.37 -12.71 32.53
C LYS A 123 -43.49 -11.46 32.44
N PRO A 124 -42.27 -11.52 32.98
CA PRO A 124 -41.40 -10.35 32.94
C PRO A 124 -40.98 -10.00 31.53
N SER A 125 -40.80 -8.70 31.30
CA SER A 125 -40.32 -8.21 30.01
C SER A 125 -38.80 -8.24 29.99
N ALA A 126 -38.24 -8.73 28.89
CA ALA A 126 -36.81 -8.96 28.77
C ALA A 126 -36.23 -8.13 27.62
N ALA A 127 -35.06 -7.55 27.86
CA ALA A 127 -34.32 -6.82 26.85
C ALA A 127 -32.89 -7.36 26.80
N ALA A 128 -32.33 -7.42 25.61
CA ALA A 128 -31.00 -7.99 25.38
C ALA A 128 -30.00 -6.88 25.15
N ALA A 129 -28.86 -6.96 25.83
CA ALA A 129 -27.79 -5.99 25.69
C ALA A 129 -26.47 -6.72 25.50
N SER A 130 -25.56 -6.09 24.77
CA SER A 130 -24.22 -6.63 24.52
C SER A 130 -23.22 -5.76 25.26
N VAL A 131 -22.74 -6.25 26.39
CA VAL A 131 -21.83 -5.49 27.25
C VAL A 131 -20.39 -5.78 26.85
N SER A 132 -19.53 -4.79 27.02
CA SER A 132 -18.12 -4.95 26.72
C SER A 132 -17.44 -5.81 27.78
N THR A 133 -16.48 -6.62 27.35
CA THR A 133 -15.83 -7.60 28.20
C THR A 133 -14.39 -7.25 28.56
N GLN A 134 -13.71 -6.48 27.69
CA GLN A 134 -12.27 -6.26 27.77
C GLN A 134 -11.75 -6.09 29.20
N HIS A 135 -12.34 -5.17 29.95
CA HIS A 135 -11.87 -4.93 31.32
C HIS A 135 -13.02 -4.37 32.15
N GLY A 136 -13.58 -5.19 33.02
CA GLY A 136 -14.56 -4.75 33.99
C GLY A 136 -15.86 -4.25 33.41
N SER A 137 -16.84 -4.01 34.27
CA SER A 137 -18.13 -3.49 33.87
C SER A 137 -18.88 -3.05 35.12
N ILE A 138 -19.53 -1.89 35.03
CA ILE A 138 -20.36 -1.37 36.12
C ILE A 138 -21.74 -1.11 35.55
N LEU A 139 -22.75 -1.69 36.19
CA LEU A 139 -24.14 -1.54 35.77
C LEU A 139 -24.91 -0.77 36.83
N GLN A 140 -25.64 0.25 36.41
CA GLN A 140 -26.49 1.04 37.28
C GLN A 140 -27.88 1.09 36.65
N LEU A 141 -28.86 0.50 37.33
CA LEU A 141 -30.23 0.44 36.82
C LEU A 141 -31.04 1.54 37.50
N ASN A 142 -31.68 2.38 36.70
CA ASN A 142 -32.45 3.52 37.19
C ASN A 142 -33.85 3.49 36.60
N ASP A 143 -34.79 4.07 37.33
CA ASP A 143 -36.13 4.26 36.79
C ASP A 143 -36.16 5.41 35.79
N THR A 144 -37.00 5.28 34.77
CA THR A 144 -37.18 6.37 33.82
C THR A 144 -38.02 7.49 34.42
N LEU A 145 -38.93 7.17 35.34
CA LEU A 145 -39.82 8.18 35.90
C LEU A 145 -39.12 9.04 36.94
N GLU A 146 -38.60 8.42 38.00
CA GLU A 146 -38.04 9.15 39.12
C GLU A 146 -36.52 9.18 39.13
N GLU A 147 -35.86 8.38 38.29
CA GLU A 147 -34.40 8.36 38.18
C GLU A 147 -33.76 8.08 39.54
N LYS A 148 -34.06 6.92 40.10
CA LYS A 148 -33.51 6.49 41.37
C LYS A 148 -32.76 5.17 41.19
N GLU A 149 -31.73 4.99 42.02
CA GLU A 149 -30.86 3.81 41.91
C GLU A 149 -31.59 2.59 42.45
N VAL A 150 -32.00 1.70 41.55
CA VAL A 150 -32.62 0.45 41.97
C VAL A 150 -31.57 -0.48 42.56
N CYS A 151 -30.56 -0.82 41.77
CA CYS A 151 -29.45 -1.63 42.25
C CYS A 151 -28.24 -1.37 41.35
N ARG A 152 -27.08 -1.77 41.84
CA ARG A 152 -25.80 -1.50 41.18
C ARG A 152 -24.99 -2.78 41.09
N LEU A 153 -24.24 -2.94 40.00
CA LEU A 153 -23.45 -4.13 39.76
C LEU A 153 -22.03 -3.75 39.37
N GLU A 154 -21.08 -4.61 39.72
CA GLU A 154 -19.69 -4.45 39.30
C GLU A 154 -19.14 -5.79 38.83
N TYR A 155 -19.90 -6.48 37.99
CA TYR A 155 -19.47 -7.78 37.49
C TYR A 155 -18.57 -7.61 36.28
N ARG A 156 -17.61 -8.54 36.14
CA ARG A 156 -16.76 -8.61 34.97
C ARG A 156 -17.25 -9.75 34.09
N PHE A 157 -17.66 -9.43 32.87
CA PHE A 157 -18.28 -10.39 31.99
C PHE A 157 -17.23 -11.11 31.14
N GLY A 158 -17.61 -12.31 30.68
CA GLY A 158 -16.76 -13.06 29.76
C GLY A 158 -16.94 -12.60 28.33
N GLU A 159 -16.08 -13.13 27.45
CA GLU A 159 -16.08 -12.66 26.06
C GLU A 159 -17.36 -13.04 25.35
N PHE A 160 -17.82 -14.28 25.52
CA PHE A 160 -19.07 -14.75 24.92
C PHE A 160 -19.88 -15.42 26.03
N GLY A 161 -20.75 -14.64 26.66
CA GLY A 161 -21.60 -15.16 27.71
C GLY A 161 -23.05 -14.85 27.42
N ASN A 162 -23.92 -15.54 28.15
CA ASN A 162 -25.36 -15.36 27.99
C ASN A 162 -25.97 -14.90 29.31
N TYR A 163 -25.33 -13.93 29.95
CA TYR A 163 -25.72 -13.52 31.29
C TYR A 163 -27.15 -13.02 31.31
N SER A 164 -27.89 -13.41 32.35
CA SER A 164 -29.26 -12.96 32.58
C SER A 164 -29.31 -12.17 33.87
N LEU A 165 -29.91 -10.98 33.80
CA LEU A 165 -30.02 -10.08 34.95
C LEU A 165 -31.50 -10.00 35.33
N LEU A 166 -31.87 -10.63 36.43
CA LEU A 166 -33.26 -10.66 36.88
C LEU A 166 -33.43 -9.66 38.00
N VAL A 167 -34.37 -8.72 37.82
CA VAL A 167 -34.69 -7.72 38.84
C VAL A 167 -36.09 -8.02 39.35
N LYS A 168 -36.25 -8.02 40.67
CA LYS A 168 -37.53 -8.31 41.28
C LYS A 168 -37.57 -7.69 42.67
N ASN A 169 -38.79 -7.49 43.16
CA ASN A 169 -39.01 -6.90 44.49
C ASN A 169 -39.19 -8.03 45.48
N ILE A 170 -38.12 -8.36 46.22
CA ILE A 170 -38.18 -9.45 47.18
C ILE A 170 -38.86 -9.05 48.48
N HIS A 171 -38.90 -7.76 48.79
CA HIS A 171 -39.52 -7.29 50.03
C HIS A 171 -41.04 -7.26 49.90
N GLU A 176 -36.03 -3.73 49.76
CA GLU A 176 -36.12 -3.04 48.48
C GLU A 176 -36.14 -4.04 47.32
N ILE A 177 -35.60 -3.62 46.17
CA ILE A 177 -35.56 -4.45 44.97
C ILE A 177 -34.20 -5.13 44.89
N ALA A 178 -34.20 -6.45 44.77
CA ALA A 178 -32.98 -7.24 44.68
C ALA A 178 -32.83 -7.77 43.26
N CYS A 179 -31.70 -7.46 42.64
CA CYS A 179 -31.39 -7.92 41.29
C CYS A 179 -30.29 -8.98 41.36
N ASP A 180 -30.51 -10.11 40.70
CA ASP A 180 -29.57 -11.21 40.69
C ASP A 180 -29.08 -11.45 39.27
N LEU A 181 -27.77 -11.60 39.12
CA LEU A 181 -27.15 -11.84 37.83
C LEU A 181 -26.81 -13.32 37.70
N ALA A 182 -27.31 -13.94 36.64
CA ALA A 182 -27.12 -15.37 36.40
C ALA A 182 -26.37 -15.58 35.10
N VAL A 183 -25.42 -16.52 35.13
CA VAL A 183 -24.61 -16.86 33.96
C VAL A 183 -25.28 -18.05 33.30
N ASN A 184 -26.05 -17.79 32.24
CA ASN A 184 -26.71 -18.87 31.51
C ASN A 184 -25.69 -19.72 30.77
N GLU A 185 -24.78 -19.09 30.03
CA GLU A 185 -23.71 -19.78 29.33
C GLU A 185 -22.37 -19.30 29.89
N ASP A 186 -21.49 -20.25 30.21
CA ASP A 186 -20.23 -19.91 30.83
C ASP A 186 -19.36 -19.11 29.86
N PRO A 187 -18.45 -18.29 30.38
CA PRO A 187 -17.59 -17.49 29.50
C PRO A 187 -16.65 -18.35 28.68
N VAL A 188 -16.27 -17.82 27.51
CA VAL A 188 -15.17 -18.41 26.75
C VAL A 188 -13.87 -18.32 27.53
N ASP A 189 -13.76 -17.34 28.44
CA ASP A 189 -12.59 -17.17 29.29
C ASP A 189 -11.34 -16.93 28.44
N SER A 190 -11.35 -15.79 27.77
CA SER A 190 -10.21 -15.38 26.95
C SER A 190 -8.95 -15.36 27.79
N ASN A 191 -7.84 -15.79 27.18
CA ASN A 191 -6.50 -15.86 27.77
C ASN A 191 -6.37 -17.03 28.74
N LEU A 192 -7.49 -17.65 29.11
CA LEU A 192 -7.44 -18.87 29.92
C LEU A 192 -7.13 -20.06 29.03
N PRO A 193 -7.82 -20.18 27.89
CA PRO A 193 -7.57 -21.35 27.03
C PRO A 193 -6.25 -21.30 26.30
N VAL A 194 -5.89 -20.15 25.72
CA VAL A 194 -4.65 -20.07 24.96
C VAL A 194 -3.44 -20.19 25.89
N SER A 195 -3.44 -19.41 26.98
CA SER A 195 -2.35 -19.38 27.95
C SER A 195 -0.99 -19.27 27.25
N ILE A 196 -0.02 -20.04 27.73
CA ILE A 196 1.27 -20.19 27.03
C ILE A 196 1.32 -21.47 26.21
N ALA A 197 0.40 -22.40 26.43
CA ALA A 197 0.40 -23.64 25.67
C ALA A 197 0.15 -23.38 24.19
N PHE A 198 -0.86 -22.56 23.87
CA PHE A 198 -1.13 -22.24 22.47
C PHE A 198 0.02 -21.48 21.85
N LEU A 199 0.63 -20.56 22.59
CA LEU A 199 1.74 -19.78 22.05
C LEU A 199 2.94 -20.66 21.73
N ILE A 200 3.28 -21.58 22.65
CA ILE A 200 4.42 -22.47 22.39
C ILE A 200 4.08 -23.45 21.27
N GLY A 201 2.82 -23.89 21.17
CA GLY A 201 2.43 -24.73 20.05
C GLY A 201 2.53 -24.02 18.72
N LEU A 202 2.12 -22.76 18.67
CA LEU A 202 2.24 -21.98 17.44
C LEU A 202 3.70 -21.77 17.07
N ALA A 203 4.54 -21.48 18.06
CA ALA A 203 5.97 -21.35 17.79
C ALA A 203 6.55 -22.63 17.24
N VAL A 204 6.17 -23.78 17.83
CA VAL A 204 6.66 -25.06 17.33
C VAL A 204 6.18 -25.30 15.91
N ILE A 205 4.92 -24.97 15.62
CA ILE A 205 4.36 -25.20 14.29
C ILE A 205 5.10 -24.36 13.25
N ILE A 206 5.31 -23.07 13.56
CA ILE A 206 5.98 -22.21 12.58
C ILE A 206 7.43 -22.63 12.40
N VAL A 207 8.09 -23.06 13.49
CA VAL A 207 9.47 -23.53 13.38
C VAL A 207 9.55 -24.78 12.52
N ILE A 208 8.60 -25.71 12.71
CA ILE A 208 8.58 -26.94 11.92
C ILE A 208 8.33 -26.62 10.45
N SER A 209 7.38 -25.71 10.17
CA SER A 209 7.11 -25.34 8.79
C SER A 209 8.32 -24.67 8.14
N PHE A 210 8.99 -23.79 8.88
CA PHE A 210 10.19 -23.13 8.34
C PHE A 210 11.30 -24.13 8.06
N LEU A 211 11.51 -25.07 8.98
CA LEU A 211 12.54 -26.08 8.79
C LEU A 211 12.21 -26.98 7.59
N ARG A 212 10.94 -27.36 7.45
CA ARG A 212 10.54 -28.18 6.30
C ARG A 212 10.72 -27.43 4.99
N LEU A 213 10.38 -26.13 4.98
CA LEU A 213 10.59 -25.33 3.78
C LEU A 213 12.07 -25.21 3.44
N LEU A 214 12.91 -25.02 4.46
CA LEU A 214 14.35 -24.94 4.22
C LEU A 214 14.91 -26.26 3.69
N LEU A 215 14.44 -27.38 4.24
CA LEU A 215 14.92 -28.68 3.81
C LEU A 215 14.38 -29.09 2.44
N SER A 216 13.23 -28.54 2.04
CA SER A 216 12.65 -28.89 0.74
C SER A 216 13.53 -28.41 -0.40
N LEU A 217 14.28 -27.33 -0.21
CA LEU A 217 15.15 -26.83 -1.26
C LEU A 217 16.25 -27.83 -1.58
N ASP A 218 16.85 -28.44 -0.56
CA ASP A 218 17.91 -29.42 -0.79
C ASP A 218 17.39 -30.64 -1.53
N ASP A 219 16.21 -31.15 -1.13
CA ASP A 219 15.64 -32.31 -1.80
C ASP A 219 15.30 -32.00 -3.25
N PHE A 220 14.73 -30.81 -3.50
CA PHE A 220 14.40 -30.44 -4.87
C PHE A 220 15.65 -30.29 -5.73
N ASN A 221 16.69 -29.68 -5.18
CA ASN A 221 17.94 -29.52 -5.93
C ASN A 221 18.58 -30.88 -6.22
N ASN A 222 18.56 -31.79 -5.24
CA ASN A 222 19.13 -33.11 -5.43
C ASN A 222 18.36 -33.89 -6.48
N TRP A 223 17.02 -33.76 -6.49
CA TRP A 223 16.20 -34.48 -7.47
C TRP A 223 16.53 -34.06 -8.89
N ILE A 224 16.69 -32.75 -9.12
CA ILE A 224 17.05 -32.27 -10.45
C ILE A 224 18.49 -32.65 -10.78
N SER A 225 19.39 -32.53 -9.80
CA SER A 225 20.79 -32.85 -10.02
C SER A 225 20.98 -34.32 -10.36
N LYS A 226 20.26 -35.20 -9.65
CA LYS A 226 20.35 -36.63 -9.95
C LYS A 226 19.82 -36.94 -11.34
N ALA A 227 18.72 -36.29 -11.74
CA ALA A 227 18.17 -36.50 -13.07
C ALA A 227 19.14 -36.03 -14.16
N ILE A 228 19.76 -34.87 -13.95
CA ILE A 228 20.69 -34.33 -14.92
C ILE A 228 21.73 -33.45 -14.23
N PRO A 265 34.80 1.54 15.12
CA PRO A 265 34.13 0.90 16.25
C PRO A 265 33.02 -0.05 15.79
N PRO A 266 32.79 -1.13 16.53
CA PRO A 266 31.72 -2.06 16.19
C PRO A 266 30.42 -1.79 16.93
N ARG A 267 29.34 -2.28 16.35
CA ARG A 267 28.02 -2.04 16.91
C ARG A 267 27.84 -2.78 18.22
N LEU A 268 27.10 -2.15 19.14
CA LEU A 268 26.97 -2.67 20.50
C LEU A 268 26.26 -4.01 20.53
N ARG A 269 25.23 -4.17 19.71
N ARG A 269 25.23 -4.19 19.70
CA ARG A 269 24.37 -5.35 19.62
CA ARG A 269 24.39 -5.37 19.64
C ARG A 269 23.45 -5.43 20.84
C ARG A 269 23.47 -5.45 20.85
N SER A 270 23.71 -4.63 21.86
CA SER A 270 22.78 -4.51 22.97
C SER A 270 21.74 -3.45 22.64
N VAL A 271 22.20 -2.33 22.09
CA VAL A 271 21.30 -1.36 21.48
C VAL A 271 20.55 -2.01 20.32
N ASP A 272 21.23 -2.86 19.54
CA ASP A 272 20.57 -3.54 18.43
C ASP A 272 19.52 -4.52 18.92
N THR A 273 19.82 -5.32 19.96
CA THR A 273 18.82 -6.23 20.50
C THR A 273 17.65 -5.47 21.10
N PHE A 274 17.92 -4.35 21.78
CA PHE A 274 16.85 -3.53 22.32
C PHE A 274 15.95 -2.98 21.21
N ARG A 275 16.56 -2.46 20.15
CA ARG A 275 15.78 -1.94 19.03
C ARG A 275 15.01 -3.06 18.34
N GLY A 276 15.58 -4.26 18.25
CA GLY A 276 14.86 -5.37 17.66
C GLY A 276 13.68 -5.82 18.49
N ILE A 277 13.84 -5.82 19.82
CA ILE A 277 12.72 -6.13 20.70
C ILE A 277 11.61 -5.10 20.50
N ALA A 278 11.99 -3.82 20.45
CA ALA A 278 11.00 -2.77 20.23
C ALA A 278 10.32 -2.92 18.89
N LEU A 279 11.08 -3.28 17.84
CA LEU A 279 10.50 -3.43 16.51
C LEU A 279 9.56 -4.63 16.43
N ILE A 280 9.93 -5.75 17.04
CA ILE A 280 9.08 -6.92 17.03
C ILE A 280 7.78 -6.62 17.77
N LEU A 281 7.89 -6.00 18.94
CA LEU A 281 6.70 -5.64 19.70
C LEU A 281 5.85 -4.62 18.93
N MET A 282 6.49 -3.70 18.21
CA MET A 282 5.76 -2.69 17.47
C MET A 282 5.00 -3.31 16.30
N VAL A 283 5.63 -4.25 15.60
CA VAL A 283 4.95 -4.94 14.50
C VAL A 283 3.80 -5.77 15.05
N PHE A 284 3.98 -6.38 16.23
CA PHE A 284 2.89 -7.16 16.81
C PHE A 284 1.71 -6.27 17.17
N VAL A 285 1.97 -5.15 17.85
CA VAL A 285 0.88 -4.33 18.35
C VAL A 285 0.27 -3.47 17.25
N ASN A 286 1.05 -3.14 16.21
CA ASN A 286 0.54 -2.31 15.13
C ASN A 286 -0.37 -3.10 14.20
N TYR A 287 -0.11 -4.39 14.04
CA TYR A 287 -0.95 -5.24 13.21
C TYR A 287 -2.23 -5.67 13.90
N GLY A 288 -2.37 -5.35 15.19
CA GLY A 288 -3.58 -5.67 15.91
C GLY A 288 -3.29 -6.24 17.29
N GLY A 289 -2.19 -6.99 17.40
CA GLY A 289 -1.86 -7.62 18.67
C GLY A 289 -2.92 -8.61 19.12
N GLY A 290 -3.53 -9.33 18.19
CA GLY A 290 -4.62 -10.22 18.53
C GLY A 290 -5.92 -9.50 18.86
N LYS A 291 -5.97 -8.20 18.64
CA LYS A 291 -7.09 -7.34 19.01
C LYS A 291 -7.33 -7.33 20.52
N TYR A 292 -6.32 -7.67 21.30
CA TYR A 292 -6.41 -7.60 22.75
C TYR A 292 -6.25 -6.16 23.22
N TRP A 293 -6.98 -5.81 24.29
CA TRP A 293 -6.95 -4.43 24.75
C TRP A 293 -5.59 -4.04 25.33
N TYR A 294 -4.86 -5.00 25.89
CA TYR A 294 -3.56 -4.73 26.47
C TYR A 294 -2.44 -4.72 25.44
N PHE A 295 -2.72 -5.12 24.20
CA PHE A 295 -1.78 -4.99 23.09
C PHE A 295 -2.11 -3.79 22.23
N LYS A 296 -3.08 -2.97 22.64
CA LYS A 296 -3.36 -1.67 22.06
C LYS A 296 -2.83 -0.58 22.98
N HIS A 297 -2.79 0.64 22.47
CA HIS A 297 -2.43 1.77 23.30
C HIS A 297 -3.52 2.02 24.33
N ALA A 298 -3.12 2.38 25.54
CA ALA A 298 -4.09 2.70 26.58
C ALA A 298 -4.93 3.88 26.14
N SER A 299 -6.19 3.90 26.59
CA SER A 299 -7.13 4.91 26.12
C SER A 299 -6.63 6.31 26.43
N TRP A 300 -6.54 6.68 27.70
CA TRP A 300 -5.86 7.91 28.07
C TRP A 300 -4.66 7.68 28.98
N ASN A 301 -4.85 7.09 30.14
CA ASN A 301 -3.80 6.95 31.14
C ASN A 301 -3.37 5.50 31.27
N GLY A 302 -2.29 5.29 31.99
CA GLY A 302 -1.77 3.96 32.20
C GLY A 302 -0.85 3.53 31.08
N LEU A 303 -0.36 2.30 31.23
CA LEU A 303 0.66 1.75 30.35
C LEU A 303 0.23 0.38 29.88
N THR A 304 0.27 0.17 28.57
CA THR A 304 0.07 -1.14 27.97
C THR A 304 1.33 -1.54 27.20
N VAL A 305 1.27 -2.73 26.59
CA VAL A 305 2.42 -3.23 25.85
C VAL A 305 2.70 -2.37 24.63
N ALA A 306 1.65 -1.83 24.01
CA ALA A 306 1.83 -1.01 22.82
C ALA A 306 2.38 0.37 23.13
N ASP A 307 2.28 0.82 24.38
CA ASP A 307 2.73 2.15 24.77
C ASP A 307 4.22 2.19 25.11
N LEU A 308 4.92 1.06 25.05
CA LEU A 308 6.31 1.00 25.46
C LEU A 308 7.28 1.20 24.29
N VAL A 309 6.89 0.80 23.09
CA VAL A 309 7.86 0.68 21.99
C VAL A 309 8.33 2.05 21.52
N PHE A 310 7.40 3.00 21.35
CA PHE A 310 7.80 4.32 20.85
C PHE A 310 8.77 5.05 21.77
N PRO A 311 8.53 5.14 23.08
CA PRO A 311 9.57 5.72 23.95
C PRO A 311 10.88 4.97 23.89
N TRP A 312 10.83 3.64 23.80
CA TRP A 312 12.05 2.87 23.66
C TRP A 312 12.74 3.18 22.34
N PHE A 313 11.95 3.40 21.28
CA PHE A 313 12.53 3.78 20.00
C PHE A 313 13.23 5.12 20.08
N VAL A 314 12.63 6.09 20.79
CA VAL A 314 13.27 7.40 20.95
C VAL A 314 14.52 7.29 21.81
N PHE A 315 14.47 6.48 22.87
CA PHE A 315 15.63 6.25 23.73
C PHE A 315 16.78 5.65 22.94
N ILE A 316 16.50 4.61 22.16
CA ILE A 316 17.52 3.96 21.34
C ILE A 316 18.02 4.93 20.27
N MET A 317 17.14 5.76 19.74
CA MET A 317 17.55 6.76 18.77
C MET A 317 18.55 7.73 19.37
N GLY A 318 18.31 8.19 20.60
CA GLY A 318 19.28 9.05 21.25
C GLY A 318 20.60 8.35 21.52
N SER A 319 20.53 7.12 22.00
CA SER A 319 21.76 6.36 22.23
C SER A 319 22.57 6.22 20.96
N SER A 320 21.91 5.86 19.86
CA SER A 320 22.59 5.73 18.58
C SER A 320 23.06 7.08 18.06
N ILE A 321 22.34 8.16 18.38
CA ILE A 321 22.80 9.49 18.02
C ILE A 321 24.17 9.75 18.64
N PHE A 322 24.29 9.51 19.94
CA PHE A 322 25.58 9.73 20.58
C PHE A 322 26.64 8.79 20.05
N LEU A 323 26.30 7.51 19.86
CA LEU A 323 27.28 6.54 19.40
C LEU A 323 27.82 6.92 18.02
N SER A 324 26.93 7.15 17.06
CA SER A 324 27.36 7.49 15.71
C SER A 324 28.05 8.84 15.66
N MET A 325 27.55 9.83 16.40
CA MET A 325 28.18 11.15 16.38
C MET A 325 29.59 11.08 16.95
N THR A 326 29.79 10.38 18.06
CA THR A 326 31.13 10.33 18.64
C THR A 326 32.06 9.49 17.78
N SER A 327 31.57 8.43 17.15
CA SER A 327 32.40 7.67 16.22
C SER A 327 32.83 8.54 15.03
N ILE A 328 31.88 9.29 14.47
CA ILE A 328 32.18 10.14 13.32
C ILE A 328 33.17 11.23 13.71
N LEU A 329 32.98 11.85 14.88
CA LEU A 329 33.85 12.93 15.30
C LEU A 329 35.24 12.43 15.68
N GLN A 330 35.35 11.21 16.21
CA GLN A 330 36.65 10.65 16.51
C GLN A 330 37.33 10.05 15.29
N ARG A 331 36.60 9.83 14.20
CA ARG A 331 37.22 9.43 12.95
C ARG A 331 37.79 10.60 12.17
N GLY A 332 37.67 11.82 12.69
CA GLY A 332 38.23 12.97 12.01
C GLY A 332 37.29 13.56 10.98
N CYS A 333 36.09 13.91 11.40
CA CYS A 333 35.08 14.49 10.51
C CYS A 333 34.68 15.87 11.00
N SER A 334 34.40 16.75 10.05
CA SER A 334 34.00 18.10 10.39
C SER A 334 32.59 18.11 10.99
N LYS A 335 32.33 19.14 11.80
CA LYS A 335 31.00 19.26 12.40
C LYS A 335 29.96 19.72 11.40
N PHE A 336 30.37 20.46 10.36
CA PHE A 336 29.41 20.97 9.39
C PHE A 336 28.87 19.86 8.49
N ARG A 337 29.73 18.95 8.07
CA ARG A 337 29.24 17.82 7.27
C ARG A 337 28.31 16.93 8.09
N LEU A 338 28.64 16.71 9.36
CA LEU A 338 27.75 15.95 10.23
C LEU A 338 26.43 16.67 10.46
N LEU A 339 26.48 18.00 10.56
CA LEU A 339 25.24 18.77 10.68
C LEU A 339 24.39 18.63 9.42
N GLY A 340 25.02 18.66 8.25
CA GLY A 340 24.28 18.43 7.03
C GLY A 340 23.65 17.06 6.97
N LYS A 341 24.39 16.04 7.41
CA LYS A 341 23.84 14.69 7.46
C LYS A 341 22.66 14.61 8.42
N ILE A 342 22.78 15.25 9.59
CA ILE A 342 21.71 15.25 10.58
C ILE A 342 20.46 15.93 10.02
N ALA A 343 20.64 17.09 9.39
CA ALA A 343 19.52 17.82 8.82
C ALA A 343 18.85 17.01 7.71
N TRP A 344 19.66 16.38 6.85
CA TRP A 344 19.10 15.57 5.77
C TRP A 344 18.32 14.38 6.33
N ARG A 345 18.86 13.72 7.35
CA ARG A 345 18.17 12.58 7.93
C ARG A 345 16.86 13.00 8.60
N SER A 346 16.86 14.10 9.33
CA SER A 346 15.63 14.56 9.97
C SER A 346 14.59 14.97 8.94
N PHE A 347 15.02 15.66 7.88
CA PHE A 347 14.11 16.04 6.81
C PHE A 347 13.52 14.81 6.13
N LEU A 348 14.35 13.80 5.86
CA LEU A 348 13.84 12.58 5.23
C LEU A 348 12.90 11.84 6.14
N LEU A 349 13.18 11.79 7.44
CA LEU A 349 12.27 11.14 8.38
C LEU A 349 10.91 11.82 8.37
N ILE A 350 10.90 13.15 8.46
CA ILE A 350 9.65 13.91 8.46
C ILE A 350 8.88 13.68 7.17
N CYS A 351 9.58 13.77 6.02
CA CYS A 351 8.91 13.63 4.73
C CYS A 351 8.38 12.22 4.53
N ILE A 352 9.16 11.20 4.87
CA ILE A 352 8.70 9.83 4.74
C ILE A 352 7.48 9.60 5.61
N GLY A 353 7.52 10.08 6.85
CA GLY A 353 6.35 9.95 7.70
C GLY A 353 5.12 10.57 7.08
N ILE A 354 5.22 11.85 6.70
CA ILE A 354 4.07 12.59 6.19
C ILE A 354 3.52 11.95 4.93
N ILE A 355 4.39 11.56 4.00
CA ILE A 355 3.93 11.14 2.68
C ILE A 355 3.50 9.67 2.69
N ILE A 356 4.23 8.81 3.40
CA ILE A 356 4.08 7.36 3.29
C ILE A 356 3.38 6.79 4.51
N VAL A 357 3.80 7.17 5.70
CA VAL A 357 3.40 6.44 6.90
C VAL A 357 2.06 6.92 7.44
N ASN A 358 1.89 8.24 7.55
CA ASN A 358 0.66 8.76 8.16
C ASN A 358 -0.60 8.44 7.36
N PRO A 359 -0.71 8.76 6.07
CA PRO A 359 -2.01 8.66 5.41
C PRO A 359 -2.42 7.24 5.10
N ASN A 360 -3.72 7.00 5.20
CA ASN A 360 -4.33 5.74 4.79
C ASN A 360 -4.79 5.93 3.35
N TYR A 361 -4.00 5.41 2.41
CA TYR A 361 -4.26 5.63 0.99
C TYR A 361 -5.36 4.74 0.44
N CYS A 362 -5.87 3.79 1.24
CA CYS A 362 -7.03 3.01 0.82
C CYS A 362 -8.32 3.82 0.88
N LEU A 363 -8.33 4.92 1.64
CA LEU A 363 -9.50 5.77 1.73
C LEU A 363 -9.62 6.76 0.59
N GLY A 364 -8.56 6.98 -0.19
CA GLY A 364 -8.60 7.89 -1.30
C GLY A 364 -7.33 8.69 -1.45
N PRO A 365 -7.30 9.56 -2.45
CA PRO A 365 -6.08 10.37 -2.69
C PRO A 365 -5.84 11.36 -1.57
N LEU A 366 -4.58 11.74 -1.42
CA LEU A 366 -4.16 12.61 -0.32
C LEU A 366 -4.46 14.06 -0.67
N SER A 367 -5.43 14.65 0.02
CA SER A 367 -5.72 16.07 -0.08
C SER A 367 -4.97 16.82 1.00
N TRP A 368 -4.47 18.01 0.66
CA TRP A 368 -3.68 18.78 1.61
C TRP A 368 -4.51 19.19 2.82
N ASP A 369 -5.79 19.51 2.59
CA ASP A 369 -6.64 19.98 3.68
C ASP A 369 -6.86 18.92 4.76
N LYS A 370 -6.54 17.65 4.49
CA LYS A 370 -6.71 16.57 5.44
C LYS A 370 -5.44 15.75 5.55
N VAL A 371 -4.30 16.43 5.66
CA VAL A 371 -3.00 15.79 5.81
C VAL A 371 -2.61 15.87 7.27
N ARG A 372 -2.36 14.71 7.88
CA ARG A 372 -1.93 14.66 9.28
C ARG A 372 -0.44 14.99 9.34
N ILE A 373 -0.13 16.24 9.67
CA ILE A 373 1.26 16.66 9.75
C ILE A 373 2.04 15.92 10.83
N PRO A 374 1.56 15.83 12.08
CA PRO A 374 2.32 15.09 13.09
C PRO A 374 2.28 13.58 12.83
N GLY A 375 3.25 12.89 13.41
CA GLY A 375 3.33 11.45 13.25
C GLY A 375 4.52 10.89 13.99
N VAL A 376 4.68 9.58 13.88
CA VAL A 376 5.79 8.90 14.53
C VAL A 376 7.11 9.36 13.93
N LEU A 377 7.21 9.32 12.60
CA LEU A 377 8.48 9.68 11.95
C LEU A 377 8.74 11.17 12.02
N GLN A 378 7.69 12.00 12.00
CA GLN A 378 7.89 13.43 12.18
C GLN A 378 8.44 13.74 13.57
N ARG A 379 7.89 13.09 14.59
CA ARG A 379 8.40 13.25 15.95
C ARG A 379 9.84 12.78 16.04
N LEU A 380 10.14 11.62 15.44
CA LEU A 380 11.50 11.12 15.47
C LEU A 380 12.45 12.08 14.77
N GLY A 381 12.05 12.62 13.62
CA GLY A 381 12.90 13.55 12.90
C GLY A 381 13.14 14.84 13.65
N VAL A 382 12.08 15.41 14.24
CA VAL A 382 12.22 16.67 14.96
C VAL A 382 13.11 16.47 16.19
N THR A 383 12.85 15.41 16.96
CA THR A 383 13.66 15.17 18.14
C THR A 383 15.09 14.82 17.78
N TYR A 384 15.27 14.04 16.71
CA TYR A 384 16.61 13.73 16.23
C TYR A 384 17.37 15.00 15.88
N PHE A 385 16.74 15.89 15.10
CA PHE A 385 17.39 17.14 14.75
C PHE A 385 17.76 17.92 15.99
N VAL A 386 16.82 18.09 16.92
CA VAL A 386 17.08 18.95 18.08
C VAL A 386 18.20 18.37 18.94
N VAL A 387 18.09 17.10 19.32
CA VAL A 387 19.04 16.54 20.27
C VAL A 387 20.39 16.30 19.61
N ALA A 388 20.41 15.92 18.33
CA ALA A 388 21.68 15.73 17.64
C ALA A 388 22.39 17.06 17.41
N VAL A 389 21.63 18.12 17.13
CA VAL A 389 22.24 19.45 16.99
C VAL A 389 22.76 19.93 18.32
N LEU A 390 22.05 19.64 19.41
CA LEU A 390 22.58 19.98 20.74
C LEU A 390 23.88 19.23 21.02
N GLU A 391 23.90 17.93 20.70
CA GLU A 391 25.11 17.14 20.90
C GLU A 391 26.26 17.65 20.04
N LEU A 392 25.97 18.07 18.81
CA LEU A 392 27.02 18.57 17.93
C LEU A 392 27.53 19.93 18.39
N LEU A 393 26.63 20.80 18.84
CA LEU A 393 27.06 22.10 19.36
C LEU A 393 27.96 21.93 20.57
N PHE A 394 27.57 21.04 21.50
CA PHE A 394 28.39 20.77 22.66
C PHE A 394 28.87 19.32 22.55
N ALA A 395 29.97 19.14 21.82
CA ALA A 395 30.52 17.81 21.54
C ALA A 395 31.90 17.74 22.17
N LYS A 396 31.96 17.21 23.39
CA LYS A 396 33.27 17.04 23.99
C LYS A 396 33.81 15.64 23.69
N PRO A 397 35.11 15.50 23.46
CA PRO A 397 35.68 14.17 23.22
C PRO A 397 35.55 13.29 24.45
N VAL A 398 35.42 11.99 24.21
CA VAL A 398 35.31 11.02 25.29
C VAL A 398 36.66 10.97 26.01
N PRO A 399 36.70 11.30 27.30
CA PRO A 399 38.00 11.35 28.00
C PRO A 399 38.41 10.02 28.59
N GLU A 400 39.56 9.99 29.25
CA GLU A 400 40.11 8.77 29.83
C GLU A 400 39.94 8.79 31.34
N HIS A 401 39.84 7.60 31.92
CA HIS A 401 39.54 7.44 33.34
C HIS A 401 40.83 7.35 34.15
N CYS A 402 40.68 6.97 35.42
CA CYS A 402 41.83 6.79 36.31
C CYS A 402 42.46 5.41 36.20
N ALA A 403 41.81 4.47 35.52
CA ALA A 403 42.33 3.12 35.31
C ALA A 403 42.68 2.44 36.64
N SER A 404 41.75 2.53 37.59
CA SER A 404 41.94 1.95 38.92
C SER A 404 40.88 0.92 39.29
N GLU A 405 39.64 1.07 38.82
CA GLU A 405 38.54 0.15 39.12
C GLU A 405 38.35 0.00 40.63
N ARG A 406 38.43 1.11 41.35
CA ARG A 406 38.30 1.14 42.80
C ARG A 406 37.13 2.01 43.24
N SER A 407 35.98 1.83 42.58
CA SER A 407 34.76 2.56 42.89
C SER A 407 34.97 4.08 42.84
N CYS A 408 35.61 4.53 41.76
CA CYS A 408 35.89 5.96 41.62
C CYS A 408 34.59 6.76 41.54
N LEU A 409 33.66 6.32 40.71
CA LEU A 409 32.34 6.96 40.57
C LEU A 409 32.47 8.44 40.23
N SER A 410 33.06 8.71 39.06
CA SER A 410 33.25 10.06 38.58
C SER A 410 32.06 10.47 37.72
N LEU A 411 31.50 11.64 38.00
CA LEU A 411 30.40 12.20 37.22
C LEU A 411 30.92 13.01 36.04
N ARG A 412 31.80 12.41 35.25
CA ARG A 412 32.40 13.05 34.09
C ARG A 412 31.53 12.97 32.85
N ASP A 413 30.45 12.21 32.89
CA ASP A 413 29.54 12.07 31.77
C ASP A 413 28.27 12.89 31.91
N ILE A 414 28.20 13.75 32.94
CA ILE A 414 27.10 14.70 33.10
C ILE A 414 27.62 16.14 33.13
N THR A 415 28.70 16.38 33.87
CA THR A 415 29.30 17.70 33.87
C THR A 415 29.87 18.06 32.50
N SER A 416 30.26 17.04 31.72
CA SER A 416 30.73 17.26 30.36
C SER A 416 29.60 17.62 29.41
N SER A 417 28.34 17.53 29.84
CA SER A 417 27.20 17.80 29.00
C SER A 417 26.24 18.80 29.62
N TRP A 418 26.60 19.41 30.76
CA TRP A 418 25.74 20.36 31.45
C TRP A 418 25.16 21.45 30.55
N PRO A 419 25.79 21.83 29.40
CA PRO A 419 25.07 22.55 28.39
C PRO A 419 23.70 21.98 28.12
N GLN A 420 23.74 20.71 27.69
CA GLN A 420 22.54 20.03 27.22
C GLN A 420 21.60 19.74 28.39
N TRP A 421 22.15 19.44 29.56
CA TRP A 421 21.30 19.21 30.72
C TRP A 421 20.56 20.48 31.11
N LEU A 422 21.24 21.62 31.09
CA LEU A 422 20.57 22.88 31.38
C LEU A 422 19.49 23.18 30.36
N LEU A 423 19.77 22.98 29.07
CA LEU A 423 18.77 23.27 28.05
C LEU A 423 17.61 22.29 28.11
N ILE A 424 17.87 21.01 28.44
CA ILE A 424 16.81 20.03 28.57
C ILE A 424 15.94 20.34 29.77
N LEU A 425 16.54 20.78 30.88
CA LEU A 425 15.74 21.17 32.04
C LEU A 425 14.91 22.40 31.72
N VAL A 426 15.44 23.34 30.94
CA VAL A 426 14.66 24.50 30.51
C VAL A 426 13.48 24.05 29.65
N LEU A 427 13.72 23.13 28.71
CA LEU A 427 12.65 22.61 27.88
C LEU A 427 11.59 21.89 28.71
N GLU A 428 12.02 21.11 29.69
CA GLU A 428 11.06 20.40 30.55
C GLU A 428 10.26 21.38 31.39
N GLY A 429 10.90 22.43 31.91
CA GLY A 429 10.16 23.46 32.61
C GLY A 429 9.17 24.16 31.71
N LEU A 430 9.53 24.37 30.44
CA LEU A 430 8.61 24.94 29.48
C LEU A 430 7.42 24.01 29.24
N TRP A 431 7.68 22.71 29.14
CA TRP A 431 6.59 21.74 28.96
C TRP A 431 5.64 21.76 30.16
N LEU A 432 6.20 21.74 31.37
CA LEU A 432 5.38 21.77 32.56
C LEU A 432 4.58 23.05 32.65
N GLY A 433 5.20 24.19 32.33
CA GLY A 433 4.48 25.45 32.36
C GLY A 433 3.38 25.51 31.33
N LEU A 434 3.66 25.11 30.09
CA LEU A 434 2.65 25.12 29.04
C LEU A 434 1.55 24.10 29.31
N THR A 435 1.82 23.06 30.09
CA THR A 435 0.83 22.04 30.37
C THR A 435 -0.07 22.42 31.54
N PHE A 436 0.51 22.91 32.63
CA PHE A 436 -0.23 23.20 33.85
C PHE A 436 -0.60 24.67 34.01
N LEU A 437 -0.21 25.53 33.06
CA LEU A 437 -0.38 26.97 33.27
C LEU A 437 -1.02 27.65 32.06
N LEU A 438 -0.85 27.10 30.88
CA LEU A 438 -1.38 27.74 29.69
C LEU A 438 -2.90 27.70 29.71
N PRO A 439 -3.58 28.85 29.65
CA PRO A 439 -5.05 28.84 29.68
C PRO A 439 -5.61 28.35 28.35
N VAL A 440 -6.53 27.41 28.43
CA VAL A 440 -7.21 26.84 27.27
C VAL A 440 -8.66 27.33 27.30
N PRO A 441 -9.14 27.97 26.24
CA PRO A 441 -10.50 28.53 26.28
C PRO A 441 -11.55 27.45 26.47
N GLY A 442 -12.51 27.74 27.34
CA GLY A 442 -13.57 26.78 27.65
C GLY A 442 -13.03 25.47 28.19
N CYS A 443 -11.97 25.53 28.99
CA CYS A 443 -11.28 24.32 29.41
C CYS A 443 -10.44 24.66 30.63
N PRO A 444 -10.39 23.78 31.63
CA PRO A 444 -9.60 24.09 32.83
C PRO A 444 -8.12 24.21 32.50
N THR A 445 -7.47 25.18 33.15
CA THR A 445 -6.03 25.31 33.03
C THR A 445 -5.34 24.12 33.67
N GLY A 446 -4.34 23.59 32.99
CA GLY A 446 -3.68 22.39 33.46
C GLY A 446 -4.53 21.14 33.40
N TYR A 447 -5.31 20.98 32.35
CA TYR A 447 -6.16 19.81 32.17
C TYR A 447 -5.36 18.69 31.52
N LEU A 448 -5.36 17.52 32.15
CA LEU A 448 -4.67 16.36 31.64
C LEU A 448 -5.61 15.22 31.27
N GLY A 449 -6.91 15.43 31.39
CA GLY A 449 -7.87 14.37 31.15
C GLY A 449 -8.12 14.14 29.68
N PRO A 450 -8.99 13.17 29.40
CA PRO A 450 -9.27 12.78 28.01
C PRO A 450 -10.40 13.54 27.34
N GLY A 451 -11.22 14.26 28.09
CA GLY A 451 -12.40 14.86 27.52
C GLY A 451 -13.49 13.83 27.28
N GLY A 452 -14.37 14.13 26.33
CA GLY A 452 -15.47 13.23 26.05
C GLY A 452 -16.33 13.03 27.28
N ILE A 453 -16.56 11.76 27.63
CA ILE A 453 -17.27 11.45 28.87
C ILE A 453 -16.34 11.38 30.08
N GLY A 454 -15.03 11.43 29.87
CA GLY A 454 -14.11 11.38 30.98
C GLY A 454 -14.21 12.63 31.85
N ASP A 455 -13.81 12.46 33.11
CA ASP A 455 -13.97 13.51 34.13
C ASP A 455 -15.42 13.96 34.22
N PHE A 456 -16.33 12.98 34.16
CA PHE A 456 -17.77 13.18 34.27
C PHE A 456 -18.34 13.98 33.11
N GLY A 457 -17.63 14.03 31.99
CA GLY A 457 -18.17 14.64 30.79
C GLY A 457 -18.37 16.13 30.85
N LYS A 458 -17.75 16.82 31.80
CA LYS A 458 -17.91 18.26 31.93
C LYS A 458 -16.93 19.04 31.05
N TYR A 459 -15.95 18.39 30.46
CA TYR A 459 -15.02 19.01 29.51
C TYR A 459 -14.94 18.14 28.27
N PRO A 460 -16.02 18.07 27.49
CA PRO A 460 -16.02 17.12 26.36
C PRO A 460 -15.05 17.49 25.25
N ASN A 461 -14.96 18.76 24.89
CA ASN A 461 -14.04 19.20 23.83
C ASN A 461 -12.69 19.64 24.41
N CYS A 462 -12.07 18.76 25.20
CA CYS A 462 -10.83 19.10 25.89
C CYS A 462 -9.82 17.97 25.86
N THR A 463 -9.88 17.12 24.83
CA THR A 463 -8.97 15.98 24.74
C THR A 463 -7.53 16.47 24.63
N GLY A 464 -6.74 16.25 25.67
CA GLY A 464 -5.36 16.65 25.71
C GLY A 464 -5.10 17.92 26.48
N GLY A 465 -6.12 18.73 26.71
CA GLY A 465 -5.92 19.97 27.44
C GLY A 465 -5.03 20.93 26.67
N ALA A 466 -3.91 21.29 27.28
CA ALA A 466 -3.03 22.30 26.68
C ALA A 466 -2.32 21.76 25.45
N ALA A 467 -1.88 20.50 25.48
CA ALA A 467 -1.22 19.92 24.32
C ALA A 467 -2.16 19.85 23.13
N GLY A 468 -3.39 19.39 23.37
CA GLY A 468 -4.38 19.36 22.30
C GLY A 468 -4.72 20.74 21.80
N TYR A 469 -4.81 21.72 22.72
CA TYR A 469 -5.09 23.10 22.33
C TYR A 469 -3.99 23.64 21.42
N ILE A 470 -2.73 23.40 21.79
CA ILE A 470 -1.62 23.90 20.98
C ILE A 470 -1.59 23.23 19.62
N ASP A 471 -1.86 21.92 19.58
CA ASP A 471 -1.92 21.22 18.29
C ASP A 471 -3.04 21.78 17.41
N ARG A 472 -4.24 21.91 17.98
CA ARG A 472 -5.38 22.42 17.22
C ARG A 472 -5.16 23.86 16.79
N LEU A 473 -4.37 24.63 17.54
CA LEU A 473 -4.14 26.02 17.19
C LEU A 473 -3.08 26.15 16.10
N LEU A 474 -1.92 25.52 16.29
CA LEU A 474 -0.83 25.70 15.34
C LEU A 474 -1.06 24.93 14.05
N LEU A 475 -1.62 23.71 14.14
CA LEU A 475 -1.78 22.87 12.97
C LEU A 475 -3.22 22.76 12.49
N GLY A 476 -4.20 22.94 13.36
CA GLY A 476 -5.58 22.80 12.94
C GLY A 476 -6.13 21.42 13.22
N ASP A 477 -7.46 21.36 13.36
CA ASP A 477 -8.11 20.08 13.65
C ASP A 477 -7.91 19.08 12.53
N ASP A 478 -7.99 19.54 11.27
CA ASP A 478 -7.95 18.62 10.14
C ASP A 478 -6.58 18.00 9.94
N HIS A 479 -5.53 18.57 10.53
CA HIS A 479 -4.17 18.10 10.35
C HIS A 479 -3.67 17.29 11.54
N LEU A 480 -4.56 16.87 12.43
CA LEU A 480 -4.22 16.06 13.58
C LEU A 480 -4.70 14.63 13.37
N TYR A 481 -4.45 13.78 14.36
CA TYR A 481 -4.97 12.42 14.35
C TYR A 481 -6.47 12.46 14.61
N GLN A 482 -7.25 11.94 13.66
CA GLN A 482 -8.69 12.02 13.78
C GLN A 482 -9.27 10.98 14.74
N HIS A 483 -8.53 9.91 15.03
CA HIS A 483 -9.00 8.83 15.89
C HIS A 483 -7.97 8.56 16.98
N PRO A 484 -7.97 9.38 18.04
CA PRO A 484 -7.09 9.11 19.18
C PRO A 484 -7.54 7.87 19.94
N SER A 485 -6.69 7.43 20.85
CA SER A 485 -6.98 6.22 21.61
C SER A 485 -8.19 6.40 22.53
N SER A 486 -8.40 7.62 23.05
CA SER A 486 -9.50 7.87 23.96
C SER A 486 -10.86 7.86 23.27
N ALA A 487 -10.89 7.81 21.94
CA ALA A 487 -12.15 7.93 21.23
C ALA A 487 -13.11 6.78 21.51
N VAL A 488 -12.58 5.59 21.79
CA VAL A 488 -13.44 4.44 21.95
C VAL A 488 -13.92 4.25 23.39
N LEU A 489 -13.14 4.70 24.38
CA LEU A 489 -13.52 4.54 25.78
C LEU A 489 -14.17 5.80 26.33
N TYR A 490 -13.57 6.97 26.14
CA TYR A 490 -14.11 8.21 26.65
C TYR A 490 -14.99 8.93 25.63
N HIS A 491 -15.15 8.39 24.43
CA HIS A 491 -16.06 8.91 23.41
C HIS A 491 -15.74 10.37 23.09
N THR A 492 -14.48 10.61 22.75
CA THR A 492 -14.02 11.95 22.41
C THR A 492 -14.30 12.25 20.94
N GLU A 493 -14.82 13.45 20.67
CA GLU A 493 -15.14 13.86 19.31
C GLU A 493 -14.09 14.74 18.67
N VAL A 494 -13.29 15.44 19.47
CA VAL A 494 -12.26 16.32 18.93
C VAL A 494 -11.05 15.49 18.51
N ALA A 495 -10.34 15.97 17.49
CA ALA A 495 -9.16 15.30 16.99
C ALA A 495 -7.96 15.65 17.87
N TYR A 496 -7.29 14.62 18.37
CA TYR A 496 -6.07 14.79 19.16
C TYR A 496 -4.97 13.97 18.53
N ASP A 497 -3.77 14.54 18.45
CA ASP A 497 -2.63 13.87 17.86
C ASP A 497 -1.67 13.44 18.95
N PRO A 498 -1.43 12.13 19.12
CA PRO A 498 -0.46 11.70 20.15
C PRO A 498 0.92 12.27 19.94
N GLU A 499 1.36 12.39 18.69
CA GLU A 499 2.67 12.94 18.37
C GLU A 499 2.56 14.44 18.08
N GLY A 500 1.98 15.16 19.03
CA GLY A 500 1.70 16.57 18.85
C GLY A 500 2.91 17.47 18.97
N ILE A 501 2.71 18.66 19.54
CA ILE A 501 3.76 19.67 19.61
C ILE A 501 4.35 19.76 21.01
N LEU A 502 3.51 19.81 22.05
CA LEU A 502 4.03 19.79 23.42
C LEU A 502 4.77 18.49 23.72
N GLY A 503 4.21 17.36 23.28
CA GLY A 503 4.85 16.09 23.54
C GLY A 503 6.24 15.97 22.94
N THR A 504 6.55 16.79 21.94
CA THR A 504 7.87 16.75 21.34
C THR A 504 8.95 17.16 22.34
N ILE A 505 8.60 18.01 23.31
CA ILE A 505 9.57 18.41 24.33
C ILE A 505 9.99 17.20 25.15
N ASN A 506 9.02 16.39 25.58
CA ASN A 506 9.36 15.21 26.36
C ASN A 506 9.96 14.11 25.49
N SER A 507 9.60 14.07 24.21
CA SER A 507 10.29 13.17 23.30
C SER A 507 11.77 13.54 23.19
N ILE A 508 12.07 14.84 23.13
CA ILE A 508 13.46 15.30 23.13
C ILE A 508 14.13 14.96 24.45
N VAL A 509 13.40 15.11 25.56
CA VAL A 509 13.97 14.80 26.87
C VAL A 509 14.36 13.33 26.96
N MET A 510 13.49 12.45 26.46
CA MET A 510 13.83 11.02 26.49
C MET A 510 14.90 10.66 25.49
N ALA A 511 14.93 11.31 24.32
CA ALA A 511 16.04 11.10 23.40
C ALA A 511 17.36 11.52 24.06
N PHE A 512 17.33 12.56 24.88
CA PHE A 512 18.53 12.97 25.58
C PHE A 512 18.88 12.00 26.71
N LEU A 513 17.89 11.38 27.33
CA LEU A 513 18.18 10.31 28.29
C LEU A 513 18.84 9.13 27.59
N GLY A 514 18.39 8.79 26.38
CA GLY A 514 19.07 7.78 25.60
C GLY A 514 20.49 8.20 25.24
N VAL A 515 20.68 9.47 24.92
CA VAL A 515 22.02 10.01 24.70
C VAL A 515 22.86 9.83 25.95
N GLN A 516 22.25 10.02 27.12
CA GLN A 516 22.95 9.82 28.38
C GLN A 516 23.36 8.37 28.56
N ALA A 517 22.49 7.44 28.16
CA ALA A 517 22.84 6.03 28.21
C ALA A 517 24.02 5.72 27.28
N GLY A 518 24.01 6.30 26.08
CA GLY A 518 25.15 6.14 25.19
C GLY A 518 26.43 6.72 25.77
N LYS A 519 26.32 7.88 26.43
CA LYS A 519 27.47 8.46 27.11
C LYS A 519 27.98 7.54 28.21
N ILE A 520 27.07 6.91 28.94
CA ILE A 520 27.47 5.97 29.98
C ILE A 520 28.24 4.81 29.37
N LEU A 521 27.71 4.22 28.30
CA LEU A 521 28.34 3.02 27.77
C LEU A 521 29.53 3.32 26.87
N LEU A 522 29.81 4.59 26.58
CA LEU A 522 31.03 4.93 25.84
C LEU A 522 32.12 5.53 26.72
N TYR A 523 31.76 6.35 27.71
CA TYR A 523 32.76 6.93 28.60
C TYR A 523 33.43 5.86 29.44
N TYR A 524 32.66 4.86 29.89
CA TYR A 524 33.16 3.78 30.72
C TYR A 524 33.19 2.46 29.95
N LYS A 525 33.56 2.53 28.67
CA LYS A 525 33.53 1.33 27.82
C LYS A 525 34.46 0.25 28.35
N ALA A 526 35.57 0.65 28.99
CA ALA A 526 36.59 -0.30 29.39
C ALA A 526 36.06 -1.31 30.40
N ARG A 527 35.37 -0.84 31.44
CA ARG A 527 34.92 -1.70 32.54
C ARG A 527 33.40 -1.72 32.56
N THR A 528 32.83 -2.92 32.56
CA THR A 528 31.38 -3.05 32.64
C THR A 528 30.83 -2.78 34.04
N LYS A 529 31.69 -2.83 35.06
CA LYS A 529 31.26 -2.51 36.42
C LYS A 529 30.75 -1.08 36.54
N ASP A 530 31.50 -0.12 35.99
CA ASP A 530 31.04 1.27 35.99
C ASP A 530 29.76 1.43 35.17
N ILE A 531 29.70 0.78 34.00
CA ILE A 531 28.51 0.90 33.16
C ILE A 531 27.28 0.38 33.87
N LEU A 532 27.41 -0.78 34.55
CA LEU A 532 26.29 -1.36 35.25
C LEU A 532 25.84 -0.48 36.40
N ILE A 533 26.78 0.10 37.16
CA ILE A 533 26.35 0.98 38.24
C ILE A 533 25.69 2.25 37.71
N ARG A 534 26.19 2.81 36.60
CA ARG A 534 25.55 3.99 36.04
C ARG A 534 24.14 3.65 35.56
N PHE A 535 23.98 2.52 34.87
CA PHE A 535 22.66 2.12 34.40
C PHE A 535 21.70 1.88 35.57
N THR A 536 22.18 1.21 36.62
CA THR A 536 21.34 0.96 37.78
C THR A 536 20.94 2.26 38.47
N ALA A 537 21.90 3.19 38.63
CA ALA A 537 21.59 4.46 39.28
C ALA A 537 20.60 5.26 38.47
N TRP A 538 20.77 5.31 37.14
CA TRP A 538 19.85 6.07 36.32
C TRP A 538 18.46 5.44 36.31
N CYS A 539 18.39 4.10 36.24
CA CYS A 539 17.11 3.43 36.32
C CYS A 539 16.42 3.71 37.66
N CYS A 540 17.18 3.65 38.76
CA CYS A 540 16.60 3.89 40.07
C CYS A 540 16.12 5.33 40.22
N ILE A 541 16.90 6.29 39.76
CA ILE A 541 16.51 7.70 39.89
C ILE A 541 15.28 7.99 39.04
N LEU A 542 15.26 7.48 37.80
CA LEU A 542 14.10 7.72 36.94
C LEU A 542 12.87 7.01 37.47
N GLY A 543 13.03 5.82 38.04
CA GLY A 543 11.90 5.14 38.65
C GLY A 543 11.38 5.86 39.88
N LEU A 544 12.28 6.42 40.69
CA LEU A 544 11.86 7.21 41.83
C LEU A 544 11.12 8.46 41.40
N ILE A 545 11.61 9.12 40.35
CA ILE A 545 10.93 10.30 39.82
C ILE A 545 9.54 9.93 39.31
N SER A 546 9.44 8.81 38.59
CA SER A 546 8.15 8.36 38.07
C SER A 546 7.19 8.03 39.21
N VAL A 547 7.68 7.35 40.25
CA VAL A 547 6.84 7.01 41.39
C VAL A 547 6.36 8.27 42.09
N ALA A 548 7.24 9.26 42.24
CA ALA A 548 6.83 10.52 42.83
C ALA A 548 5.77 11.22 41.99
N LEU A 549 5.93 11.18 40.66
CA LEU A 549 5.02 11.91 39.78
C LEU A 549 3.64 11.25 39.73
N THR A 550 3.61 9.93 39.60
CA THR A 550 2.35 9.23 39.37
C THR A 550 1.80 8.52 40.60
N LYS A 551 2.55 8.49 41.71
CA LYS A 551 2.13 7.82 42.94
C LYS A 551 1.81 6.34 42.70
N VAL A 552 2.47 5.74 41.70
CA VAL A 552 2.20 4.37 41.27
C VAL A 552 0.71 4.16 41.10
N SER A 553 0.06 5.08 40.36
CA SER A 553 -1.37 5.02 40.14
C SER A 553 -1.64 5.31 38.66
N GLU A 554 -2.62 4.61 38.11
CA GLU A 554 -2.92 4.75 36.68
C GLU A 554 -3.44 6.14 36.35
N ASN A 555 -4.44 6.61 37.09
CA ASN A 555 -5.11 7.87 36.76
C ASN A 555 -4.93 8.95 37.81
N GLU A 556 -4.34 8.63 38.96
CA GLU A 556 -4.06 9.63 39.98
C GLU A 556 -2.62 10.12 39.84
N GLY A 557 -2.16 10.92 40.79
CA GLY A 557 -0.82 11.47 40.76
C GLY A 557 -0.78 12.83 40.09
N PHE A 558 0.35 13.52 40.29
CA PHE A 558 0.53 14.83 39.69
C PHE A 558 0.52 14.74 38.17
N ILE A 559 1.36 13.86 37.61
CA ILE A 559 1.41 13.64 36.17
C ILE A 559 1.26 12.14 35.93
N PRO A 560 0.06 11.63 35.67
CA PRO A 560 -0.08 10.20 35.37
C PRO A 560 0.57 9.83 34.05
N VAL A 561 0.94 8.55 33.95
CA VAL A 561 1.58 8.06 32.73
C VAL A 561 0.61 8.18 31.58
N ASN A 562 1.05 8.82 30.50
CA ASN A 562 0.17 9.14 29.38
C ASN A 562 0.99 9.19 28.11
N LYS A 563 0.74 8.25 27.19
CA LYS A 563 1.43 8.29 25.90
C LYS A 563 0.90 9.40 25.02
N ASN A 564 -0.40 9.68 25.10
CA ASN A 564 -1.00 10.69 24.24
C ASN A 564 -0.41 12.07 24.51
N LEU A 565 -0.25 12.42 25.79
CA LEU A 565 0.39 13.68 26.15
C LEU A 565 1.90 13.57 26.20
N TRP A 566 2.45 12.37 26.09
CA TRP A 566 3.87 12.11 26.32
C TRP A 566 4.31 12.74 27.63
N SER A 567 3.66 12.30 28.71
CA SER A 567 3.84 12.91 30.02
C SER A 567 5.28 12.81 30.48
N LEU A 568 5.63 13.68 31.43
CA LEU A 568 6.95 13.59 32.04
C LEU A 568 7.12 12.28 32.79
N SER A 569 6.07 11.84 33.51
CA SER A 569 6.14 10.55 34.17
C SER A 569 6.16 9.41 33.15
N TYR A 570 5.52 9.58 32.00
CA TYR A 570 5.64 8.60 30.93
C TYR A 570 7.10 8.46 30.51
N VAL A 571 7.77 9.60 30.28
CA VAL A 571 9.16 9.59 29.87
C VAL A 571 10.04 8.96 30.93
N THR A 572 9.84 9.33 32.20
CA THR A 572 10.68 8.79 33.25
C THR A 572 10.45 7.30 33.47
N THR A 573 9.19 6.87 33.44
CA THR A 573 8.88 5.44 33.59
C THR A 573 9.52 4.63 32.46
N LEU A 574 9.29 5.06 31.22
CA LEU A 574 9.83 4.28 30.10
C LEU A 574 11.33 4.39 30.01
N SER A 575 11.92 5.48 30.51
CA SER A 575 13.37 5.61 30.52
C SER A 575 13.99 4.72 31.58
N SER A 576 13.35 4.60 32.74
CA SER A 576 13.81 3.63 33.74
C SER A 576 13.67 2.21 33.20
N PHE A 577 12.59 1.94 32.48
CA PHE A 577 12.43 0.64 31.84
C PHE A 577 13.55 0.37 30.84
N ALA A 578 13.88 1.36 30.03
CA ALA A 578 14.94 1.19 29.03
C ALA A 578 16.31 1.06 29.68
N PHE A 579 16.54 1.79 30.76
CA PHE A 579 17.80 1.66 31.49
C PHE A 579 17.93 0.29 32.13
N PHE A 580 16.84 -0.26 32.67
CA PHE A 580 16.88 -1.63 33.18
C PHE A 580 17.10 -2.63 32.05
N ILE A 581 16.45 -2.42 30.90
CA ILE A 581 16.64 -3.30 29.76
C ILE A 581 18.09 -3.29 29.31
N LEU A 582 18.70 -2.11 29.28
CA LEU A 582 20.13 -2.02 28.96
C LEU A 582 20.98 -2.69 30.03
N LEU A 583 20.65 -2.48 31.30
CA LEU A 583 21.38 -3.11 32.39
C LEU A 583 21.35 -4.63 32.30
N VAL A 584 20.27 -5.18 31.73
CA VAL A 584 20.17 -6.62 31.59
C VAL A 584 20.84 -7.09 30.29
N LEU A 585 20.64 -6.36 29.19
CA LEU A 585 21.11 -6.79 27.88
C LEU A 585 22.60 -6.61 27.70
N TYR A 586 23.17 -5.53 28.23
CA TYR A 586 24.58 -5.25 28.00
C TYR A 586 25.50 -6.35 28.52
N PRO A 587 25.39 -6.82 29.77
CA PRO A 587 26.26 -7.94 30.17
C PRO A 587 25.99 -9.20 29.37
N VAL A 588 24.73 -9.61 29.29
CA VAL A 588 24.36 -10.87 28.65
C VAL A 588 24.80 -10.88 27.20
N VAL A 589 24.50 -9.83 26.46
CA VAL A 589 24.77 -9.84 25.02
C VAL A 589 26.23 -9.50 24.74
N ASP A 590 26.83 -8.59 25.50
CA ASP A 590 28.13 -8.05 25.18
C ASP A 590 29.25 -8.57 26.09
N VAL A 591 29.11 -8.39 27.40
CA VAL A 591 30.22 -8.66 28.31
C VAL A 591 30.39 -10.17 28.51
N LYS A 592 29.37 -10.81 29.08
CA LYS A 592 29.42 -12.25 29.25
C LYS A 592 29.23 -12.99 27.93
N GLY A 593 28.60 -12.36 26.95
CA GLY A 593 28.36 -13.00 25.67
C GLY A 593 27.44 -14.21 25.73
N LEU A 594 26.63 -14.31 26.79
CA LEU A 594 25.75 -15.46 26.95
C LEU A 594 24.69 -15.55 25.87
N TRP A 595 24.45 -14.46 25.15
CA TRP A 595 23.38 -14.40 24.17
C TRP A 595 23.79 -13.40 23.10
N THR A 596 23.21 -13.55 21.91
CA THR A 596 23.55 -12.70 20.78
C THR A 596 22.36 -11.88 20.29
N GLY A 597 21.29 -11.79 21.07
CA GLY A 597 20.06 -11.21 20.58
C GLY A 597 19.57 -11.99 19.39
N THR A 598 19.60 -13.32 19.50
CA THR A 598 19.60 -14.21 18.34
C THR A 598 18.49 -13.94 17.34
N PRO A 599 17.23 -13.74 17.72
CA PRO A 599 16.21 -13.35 16.73
C PRO A 599 15.96 -11.85 16.65
N PHE A 600 16.56 -11.05 17.52
CA PHE A 600 16.17 -9.66 17.70
C PHE A 600 17.02 -8.67 16.94
N PHE A 601 18.31 -8.93 16.76
CA PHE A 601 19.17 -7.86 16.28
C PHE A 601 19.06 -7.61 14.78
N TYR A 602 18.53 -8.54 13.99
CA TYR A 602 18.32 -8.25 12.57
C TYR A 602 17.37 -7.08 12.34
N PRO A 603 16.19 -7.02 12.98
CA PRO A 603 15.46 -5.76 12.97
C PRO A 603 16.27 -4.63 13.58
N GLY A 604 17.09 -4.91 14.59
CA GLY A 604 17.94 -3.86 15.14
C GLY A 604 18.81 -3.20 14.10
N MET A 605 19.22 -3.96 13.07
CA MET A 605 19.99 -3.41 11.96
C MET A 605 19.14 -2.83 10.85
N ASN A 606 17.92 -3.35 10.65
CA ASN A 606 17.05 -2.87 9.57
C ASN A 606 15.78 -2.23 10.12
N SER A 607 15.92 -1.42 11.17
CA SER A 607 14.77 -0.78 11.82
C SER A 607 13.94 0.06 10.86
N ILE A 608 14.57 0.97 10.13
CA ILE A 608 13.79 1.88 9.29
C ILE A 608 13.15 1.11 8.15
N LEU A 609 13.85 0.12 7.60
CA LEU A 609 13.26 -0.72 6.56
C LEU A 609 12.05 -1.47 7.10
N VAL A 610 12.16 -2.03 8.31
CA VAL A 610 11.05 -2.79 8.88
C VAL A 610 9.86 -1.87 9.13
N TYR A 611 10.11 -0.68 9.68
CA TYR A 611 9.01 0.24 9.97
C TYR A 611 8.31 0.68 8.70
N VAL A 612 9.07 1.15 7.71
CA VAL A 612 8.45 1.60 6.47
C VAL A 612 7.75 0.45 5.78
N GLY A 613 8.35 -0.74 5.78
CA GLY A 613 7.74 -1.86 5.12
C GLY A 613 6.43 -2.29 5.76
N HIS A 614 6.41 -2.40 7.09
CA HIS A 614 5.18 -2.85 7.72
C HIS A 614 4.11 -1.77 7.73
N GLU A 615 4.50 -0.50 7.59
CA GLU A 615 3.50 0.54 7.36
C GLU A 615 3.01 0.51 5.92
N VAL A 616 3.82 0.03 4.99
CA VAL A 616 3.43 -0.04 3.58
C VAL A 616 2.73 -1.36 3.26
N PHE A 617 3.31 -2.47 3.66
CA PHE A 617 2.81 -3.80 3.36
C PHE A 617 1.95 -4.37 4.48
N GLU A 618 1.22 -3.52 5.20
CA GLU A 618 0.42 -3.99 6.32
C GLU A 618 -0.70 -4.92 5.86
N ASN A 619 -1.34 -4.61 4.74
CA ASN A 619 -2.49 -5.35 4.26
C ASN A 619 -2.12 -6.49 3.32
N TYR A 620 -0.83 -6.70 3.06
CA TYR A 620 -0.43 -7.68 2.06
C TYR A 620 -0.53 -9.09 2.63
N PHE A 621 -0.51 -10.09 1.74
CA PHE A 621 -0.92 -11.43 2.13
C PHE A 621 -0.07 -12.05 3.22
N PRO A 622 1.27 -12.10 3.13
CA PRO A 622 2.01 -12.81 4.17
C PRO A 622 1.80 -12.22 5.56
N PHE A 623 1.45 -10.94 5.64
CA PHE A 623 1.22 -10.27 6.91
C PHE A 623 -0.25 -10.13 7.25
N GLN A 624 -1.15 -10.27 6.28
CA GLN A 624 -2.58 -10.13 6.53
C GLN A 624 -3.34 -10.92 5.49
N TRP A 625 -4.15 -11.88 5.95
CA TRP A 625 -5.03 -12.66 5.08
C TRP A 625 -6.42 -12.68 5.69
N LYS A 626 -7.39 -13.11 4.90
CA LYS A 626 -8.76 -13.19 5.38
C LYS A 626 -8.90 -14.34 6.39
N LEU A 627 -9.52 -14.06 7.51
CA LEU A 627 -9.71 -15.04 8.58
C LEU A 627 -11.10 -15.65 8.50
N LYS A 628 -11.22 -16.90 8.94
CA LYS A 628 -12.52 -17.56 8.96
C LYS A 628 -13.48 -16.84 9.89
N ASP A 629 -13.01 -16.49 11.09
CA ASP A 629 -13.79 -15.71 12.05
C ASP A 629 -12.98 -14.49 12.45
N ASN A 630 -13.54 -13.31 12.20
CA ASN A 630 -12.86 -12.07 12.55
C ASN A 630 -13.06 -11.65 14.00
N GLN A 631 -14.02 -12.26 14.70
CA GLN A 631 -14.23 -11.99 16.11
C GLN A 631 -13.50 -12.97 17.01
N SER A 632 -12.69 -13.85 16.44
CA SER A 632 -11.93 -14.82 17.22
C SER A 632 -10.59 -14.21 17.59
N HIS A 633 -10.29 -14.18 18.88
CA HIS A 633 -8.99 -13.67 19.32
C HIS A 633 -7.87 -14.60 18.88
N LYS A 634 -8.14 -15.91 18.85
CA LYS A 634 -7.09 -16.87 18.49
C LYS A 634 -6.64 -16.67 17.04
N GLU A 635 -7.59 -16.46 16.12
CA GLU A 635 -7.22 -16.26 14.72
C GLU A 635 -6.42 -14.98 14.53
N HIS A 636 -6.86 -13.89 15.15
CA HIS A 636 -6.13 -12.63 15.05
C HIS A 636 -4.75 -12.74 15.65
N LEU A 637 -4.63 -13.40 16.81
CA LEU A 637 -3.33 -13.57 17.44
C LEU A 637 -2.40 -14.42 16.59
N THR A 638 -2.93 -15.49 16.01
CA THR A 638 -2.13 -16.33 15.11
C THR A 638 -1.63 -15.52 13.92
N GLN A 639 -2.53 -14.74 13.31
CA GLN A 639 -2.17 -13.96 12.14
C GLN A 639 -1.11 -12.91 12.48
N ASN A 640 -1.27 -12.24 13.62
CA ASN A 640 -0.33 -11.19 13.99
C ASN A 640 1.03 -11.77 14.37
N ILE A 641 1.05 -12.91 15.07
CA ILE A 641 2.31 -13.56 15.40
C ILE A 641 3.01 -14.04 14.14
N VAL A 642 2.25 -14.60 13.18
CA VAL A 642 2.84 -15.04 11.93
C VAL A 642 3.43 -13.85 11.17
N ALA A 643 2.70 -12.73 11.13
CA ALA A 643 3.20 -11.55 10.44
C ALA A 643 4.46 -10.99 11.09
N THR A 644 4.49 -10.95 12.43
CA THR A 644 5.68 -10.51 13.13
C THR A 644 6.86 -11.44 12.86
N ALA A 645 6.62 -12.74 12.88
CA ALA A 645 7.69 -13.70 12.59
C ALA A 645 8.19 -13.54 11.15
N LEU A 646 7.28 -13.22 10.23
CA LEU A 646 7.69 -13.01 8.85
C LEU A 646 8.50 -11.74 8.69
N TRP A 647 8.19 -10.70 9.46
CA TRP A 647 9.02 -9.49 9.41
C TRP A 647 10.39 -9.74 10.02
N VAL A 648 10.45 -10.55 11.08
CA VAL A 648 11.74 -10.97 11.62
C VAL A 648 12.52 -11.76 10.58
N LEU A 649 11.82 -12.64 9.83
CA LEU A 649 12.47 -13.42 8.79
C LEU A 649 13.00 -12.52 7.67
N ILE A 650 12.22 -11.51 7.27
CA ILE A 650 12.67 -10.58 6.24
C ILE A 650 13.91 -9.82 6.71
N ALA A 651 13.89 -9.35 7.96
CA ALA A 651 15.06 -8.66 8.50
C ALA A 651 16.28 -9.59 8.54
N TYR A 652 16.07 -10.84 8.93
CA TYR A 652 17.17 -11.80 8.95
C TYR A 652 17.71 -12.07 7.55
N ILE A 653 16.82 -12.19 6.57
CA ILE A 653 17.26 -12.43 5.19
C ILE A 653 18.07 -11.24 4.69
N LEU A 654 17.63 -10.03 4.98
CA LEU A 654 18.40 -8.85 4.59
C LEU A 654 19.74 -8.82 5.31
N TYR A 655 19.76 -9.26 6.58
CA TYR A 655 21.03 -9.32 7.31
C TYR A 655 21.99 -10.30 6.66
N ARG A 656 21.48 -11.46 6.23
CA ARG A 656 22.34 -12.44 5.57
C ARG A 656 22.86 -11.93 4.23
N LYS A 657 22.08 -11.10 3.54
CA LYS A 657 22.50 -10.47 2.30
C LYS A 657 23.29 -9.20 2.52
N LYS A 658 23.52 -8.82 3.78
CA LYS A 658 24.26 -7.60 4.12
C LYS A 658 23.60 -6.35 3.53
N ILE A 659 22.27 -6.34 3.54
CA ILE A 659 21.48 -5.20 3.08
C ILE A 659 20.97 -4.46 4.32
N PHE A 660 21.44 -3.23 4.51
CA PHE A 660 21.04 -2.40 5.64
C PHE A 660 20.67 -1.02 5.12
N TRP A 661 19.38 -0.78 4.90
CA TRP A 661 18.94 0.55 4.48
C TRP A 661 19.13 1.52 5.62
N LYS A 662 19.91 2.57 5.38
CA LYS A 662 20.15 3.62 6.36
C LYS A 662 19.98 4.97 5.69
N ILE A 663 19.34 5.89 6.41
CA ILE A 663 19.04 7.21 5.86
C ILE A 663 20.31 8.06 5.75
N ALA B 75 -22.61 20.62 -12.87
CA ALA B 75 -23.72 19.84 -13.44
C ALA B 75 -23.62 18.37 -13.03
N GLU B 76 -24.53 17.57 -13.57
CA GLU B 76 -24.54 16.14 -13.31
C GLU B 76 -23.81 15.33 -14.37
N LEU B 77 -23.20 15.99 -15.35
CA LEU B 77 -22.53 15.28 -16.43
C LEU B 77 -21.20 14.72 -15.93
N LYS B 78 -21.04 13.41 -16.01
CA LYS B 78 -19.77 12.80 -15.70
C LYS B 78 -18.77 13.07 -16.81
N MET B 79 -17.52 12.71 -16.55
CA MET B 79 -16.47 12.87 -17.55
C MET B 79 -16.74 11.99 -18.77
N ASP B 80 -16.45 12.54 -19.95
CA ASP B 80 -16.76 11.88 -21.23
C ASP B 80 -18.25 11.59 -21.36
N GLN B 81 -19.06 12.62 -21.19
CA GLN B 81 -20.50 12.49 -21.29
C GLN B 81 -21.09 13.79 -21.83
N ALA B 82 -22.24 13.68 -22.47
CA ALA B 82 -22.99 14.82 -22.98
C ALA B 82 -24.46 14.67 -22.58
N LEU B 83 -25.08 15.79 -22.22
CA LEU B 83 -26.47 15.79 -21.83
C LEU B 83 -27.33 15.90 -23.09
N LEU B 84 -28.15 14.88 -23.33
CA LEU B 84 -29.00 14.81 -24.51
C LEU B 84 -30.44 15.02 -24.07
N LEU B 85 -31.03 16.15 -24.44
CA LEU B 85 -32.40 16.49 -24.08
C LEU B 85 -33.31 16.08 -25.23
N ILE B 86 -34.02 14.96 -25.06
CA ILE B 86 -34.92 14.45 -26.08
C ILE B 86 -36.33 14.85 -25.70
N HIS B 87 -36.95 15.69 -26.51
CA HIS B 87 -38.36 16.03 -26.36
C HIS B 87 -39.05 15.85 -27.70
N ASN B 88 -40.18 15.15 -27.68
CA ASN B 88 -40.92 14.83 -28.89
C ASN B 88 -42.19 15.66 -28.97
N GLU B 89 -42.32 16.44 -30.04
CA GLU B 89 -43.50 17.26 -30.26
C GLU B 89 -44.58 16.50 -31.02
N LEU B 90 -44.94 15.33 -30.50
CA LEU B 90 -45.94 14.47 -31.13
C LEU B 90 -46.88 13.92 -30.07
N LEU B 91 -48.06 13.50 -30.54
CA LEU B 91 -49.17 13.19 -29.65
C LEU B 91 -49.51 11.70 -29.55
N TRP B 92 -49.32 10.93 -30.61
CA TRP B 92 -49.89 9.59 -30.70
C TRP B 92 -48.82 8.51 -30.88
N THR B 93 -47.70 8.65 -30.17
CA THR B 93 -46.70 7.58 -30.17
C THR B 93 -45.78 7.76 -28.98
N ASN B 94 -45.34 6.64 -28.42
CA ASN B 94 -44.40 6.61 -27.30
C ASN B 94 -43.03 6.22 -27.82
N LEU B 95 -42.00 6.98 -27.45
CA LEU B 95 -40.66 6.80 -27.98
C LEU B 95 -39.74 6.23 -26.92
N THR B 96 -39.02 5.17 -27.28
CA THR B 96 -37.91 4.68 -26.50
C THR B 96 -36.63 4.83 -27.33
N VAL B 97 -35.58 5.34 -26.70
CA VAL B 97 -34.35 5.71 -27.39
C VAL B 97 -33.28 4.69 -27.06
N TYR B 98 -32.67 4.13 -28.10
CA TYR B 98 -31.62 3.14 -27.97
C TYR B 98 -30.28 3.76 -28.34
N TRP B 99 -29.22 3.28 -27.71
CA TRP B 99 -27.89 3.82 -27.92
C TRP B 99 -26.92 2.70 -28.27
N LYS B 100 -26.00 3.00 -29.19
CA LYS B 100 -25.00 2.01 -29.61
C LYS B 100 -23.75 2.76 -30.04
N SER B 101 -22.65 2.54 -29.33
CA SER B 101 -21.39 3.17 -29.68
C SER B 101 -20.90 2.65 -31.04
N GLU B 102 -20.26 3.53 -31.79
CA GLU B 102 -19.83 3.17 -33.14
C GLU B 102 -18.68 2.16 -33.13
N CYS B 103 -17.83 2.20 -32.10
CA CYS B 103 -16.64 1.37 -32.11
C CYS B 103 -16.97 -0.11 -31.96
N CYS B 104 -18.01 -0.44 -31.21
CA CYS B 104 -18.38 -1.83 -31.01
C CYS B 104 -18.71 -2.50 -32.34
N TYR B 105 -18.28 -3.76 -32.48
CA TYR B 105 -18.46 -4.46 -33.74
C TYR B 105 -19.94 -4.76 -34.00
N HIS B 106 -20.54 -5.59 -33.15
CA HIS B 106 -21.96 -5.97 -33.30
C HIS B 106 -22.58 -5.98 -31.91
N CYS B 107 -23.13 -4.83 -31.51
CA CYS B 107 -23.72 -4.69 -30.19
C CYS B 107 -25.23 -4.61 -30.28
N LEU B 108 -25.89 -5.10 -29.25
CA LEU B 108 -27.31 -4.84 -29.08
C LEU B 108 -27.52 -3.38 -28.74
N PHE B 109 -28.60 -2.81 -29.27
CA PHE B 109 -28.93 -1.42 -28.96
C PHE B 109 -29.46 -1.34 -27.53
N GLN B 110 -28.59 -0.93 -26.61
CA GLN B 110 -29.01 -0.75 -25.23
C GLN B 110 -29.93 0.45 -25.11
N VAL B 111 -30.93 0.33 -24.23
CA VAL B 111 -31.89 1.42 -24.05
C VAL B 111 -31.20 2.61 -23.41
N LEU B 112 -31.58 3.81 -23.83
CA LEU B 112 -31.03 5.04 -23.28
C LEU B 112 -32.04 5.76 -22.39
N VAL B 113 -33.23 6.05 -22.92
CA VAL B 113 -34.27 6.72 -22.15
C VAL B 113 -35.59 6.51 -22.88
N ASN B 114 -36.68 6.57 -22.14
CA ASN B 114 -38.02 6.47 -22.69
C ASN B 114 -38.64 7.86 -22.74
N VAL B 115 -39.08 8.28 -23.92
CA VAL B 115 -39.66 9.59 -24.13
C VAL B 115 -41.16 9.39 -24.39
N PRO B 116 -42.03 9.82 -23.49
CA PRO B 116 -43.46 9.56 -23.64
C PRO B 116 -44.12 10.59 -24.54
N GLN B 117 -45.43 10.44 -24.72
CA GLN B 117 -46.19 11.35 -25.58
C GLN B 117 -46.30 12.73 -24.94
N SER B 118 -46.29 13.76 -25.78
CA SER B 118 -46.59 15.10 -25.29
C SER B 118 -48.06 15.18 -24.92
N PRO B 119 -48.39 15.78 -23.76
CA PRO B 119 -49.79 15.87 -23.36
C PRO B 119 -50.67 16.62 -24.36
N LYS B 120 -50.12 17.61 -25.04
CA LYS B 120 -50.88 18.36 -26.04
C LYS B 120 -49.90 18.96 -27.04
N ALA B 121 -50.45 19.37 -28.19
CA ALA B 121 -49.63 19.98 -29.23
C ALA B 121 -49.07 21.31 -28.75
N GLY B 122 -47.81 21.57 -29.08
CA GLY B 122 -47.12 22.76 -28.66
C GLY B 122 -46.36 22.65 -27.36
N LYS B 123 -46.51 21.54 -26.63
CA LYS B 123 -45.77 21.30 -25.39
C LYS B 123 -45.15 19.90 -25.45
N PRO B 124 -44.03 19.75 -26.16
CA PRO B 124 -43.38 18.43 -26.22
C PRO B 124 -43.03 17.91 -24.84
N SER B 125 -43.15 16.59 -24.68
CA SER B 125 -42.72 15.94 -23.45
C SER B 125 -41.22 15.69 -23.50
N ALA B 126 -40.50 16.19 -22.50
CA ALA B 126 -39.05 16.19 -22.52
C ALA B 126 -38.49 14.97 -21.80
N ALA B 127 -37.21 14.70 -22.06
CA ALA B 127 -36.48 13.62 -21.41
C ALA B 127 -35.01 14.00 -21.36
N ALA B 128 -34.29 13.35 -20.45
CA ALA B 128 -32.87 13.62 -20.25
C ALA B 128 -32.09 12.32 -20.36
N ALA B 129 -30.90 12.41 -20.96
CA ALA B 129 -30.03 11.26 -21.10
C ALA B 129 -28.60 11.73 -21.23
N SER B 130 -27.67 10.99 -20.64
CA SER B 130 -26.24 11.29 -20.70
C SER B 130 -25.60 10.30 -21.65
N VAL B 131 -25.31 10.75 -22.87
CA VAL B 131 -24.75 9.90 -23.91
C VAL B 131 -23.23 9.93 -23.82
N SER B 132 -22.61 8.77 -23.93
CA SER B 132 -21.15 8.69 -23.91
C SER B 132 -20.56 9.36 -25.15
N THR B 133 -19.53 10.16 -24.95
CA THR B 133 -18.88 10.90 -26.02
C THR B 133 -17.46 10.43 -26.29
N GLN B 134 -17.11 9.21 -25.85
CA GLN B 134 -15.76 8.72 -26.07
C GLN B 134 -15.45 8.61 -27.54
N HIS B 135 -16.31 7.94 -28.30
CA HIS B 135 -16.16 7.88 -29.75
C HIS B 135 -17.51 7.49 -30.36
N GLY B 136 -18.16 8.44 -31.03
CA GLY B 136 -19.35 8.15 -31.80
C GLY B 136 -20.55 7.74 -30.98
N SER B 137 -21.71 7.66 -31.63
CA SER B 137 -22.94 7.22 -31.00
C SER B 137 -23.98 6.99 -32.09
N ILE B 138 -24.73 5.89 -31.97
CA ILE B 138 -25.83 5.58 -32.86
C ILE B 138 -27.09 5.52 -32.02
N LEU B 139 -28.10 6.30 -32.42
CA LEU B 139 -29.36 6.37 -31.68
C LEU B 139 -30.45 5.71 -32.51
N GLN B 140 -31.17 4.78 -31.90
CA GLN B 140 -32.28 4.08 -32.53
C GLN B 140 -33.55 4.50 -31.79
N LEU B 141 -34.31 5.40 -32.40
CA LEU B 141 -35.59 5.85 -31.85
C LEU B 141 -36.69 5.05 -32.53
N ASN B 142 -37.28 4.10 -31.80
CA ASN B 142 -38.39 3.32 -32.32
C ASN B 142 -39.56 3.41 -31.36
N ASP B 143 -40.77 3.40 -31.92
CA ASP B 143 -41.98 3.50 -31.12
C ASP B 143 -42.15 2.24 -30.27
N THR B 144 -42.13 2.40 -28.95
CA THR B 144 -42.19 1.24 -28.07
C THR B 144 -43.53 0.51 -28.16
N LEU B 145 -44.58 1.16 -28.67
CA LEU B 145 -45.87 0.49 -28.80
C LEU B 145 -45.85 -0.54 -29.94
N GLU B 146 -45.31 -0.15 -31.10
CA GLU B 146 -45.30 -1.01 -32.28
C GLU B 146 -43.93 -1.51 -32.67
N GLU B 147 -42.85 -0.97 -32.07
CA GLU B 147 -41.48 -1.34 -32.38
C GLU B 147 -41.19 -1.15 -33.87
N LYS B 148 -41.34 0.10 -34.30
CA LYS B 148 -40.93 0.54 -35.62
C LYS B 148 -40.11 1.81 -35.46
N GLU B 149 -38.97 1.87 -36.15
CA GLU B 149 -38.04 2.97 -35.95
C GLU B 149 -38.58 4.23 -36.61
N VAL B 150 -38.86 5.24 -35.79
CA VAL B 150 -39.28 6.53 -36.31
C VAL B 150 -38.10 7.24 -36.98
N CYS B 151 -36.92 7.12 -36.38
CA CYS B 151 -35.71 7.71 -36.95
C CYS B 151 -34.50 7.03 -36.32
N ARG B 152 -33.37 7.12 -37.01
CA ARG B 152 -32.11 6.56 -36.55
C ARG B 152 -30.99 7.48 -37.01
N LEU B 153 -30.25 8.06 -36.07
CA LEU B 153 -29.19 9.00 -36.40
C LEU B 153 -27.89 8.59 -35.74
N GLU B 154 -26.79 8.85 -36.43
CA GLU B 154 -25.44 8.60 -35.92
C GLU B 154 -24.77 9.93 -35.69
N TYR B 155 -24.44 10.23 -34.44
CA TYR B 155 -23.85 11.51 -34.09
C TYR B 155 -22.65 11.31 -33.18
N ARG B 156 -21.62 12.12 -33.40
CA ARG B 156 -20.43 12.16 -32.56
C ARG B 156 -20.64 13.27 -31.53
N PHE B 157 -21.12 12.88 -30.34
CA PHE B 157 -21.36 13.87 -29.30
C PHE B 157 -20.05 14.37 -28.72
N GLY B 158 -20.06 15.62 -28.28
CA GLY B 158 -18.90 16.22 -27.64
C GLY B 158 -19.02 16.16 -26.12
N GLU B 159 -17.88 16.17 -25.45
CA GLU B 159 -17.86 16.08 -24.00
C GLU B 159 -18.51 17.30 -23.38
N PHE B 160 -19.35 17.07 -22.36
CA PHE B 160 -20.01 18.13 -21.61
C PHE B 160 -20.90 19.00 -22.50
N GLY B 161 -21.42 18.41 -23.58
CA GLY B 161 -22.29 19.12 -24.48
C GLY B 161 -23.71 19.19 -23.96
N ASN B 162 -24.57 19.80 -24.78
CA ASN B 162 -25.99 19.91 -24.46
C ASN B 162 -26.75 19.90 -25.79
N TYR B 163 -27.28 18.75 -26.17
CA TYR B 163 -27.93 18.55 -27.45
C TYR B 163 -29.42 18.29 -27.24
N SER B 164 -30.23 18.82 -28.15
CA SER B 164 -31.68 18.67 -28.08
C SER B 164 -32.12 17.86 -29.29
N LEU B 165 -32.42 16.58 -29.07
CA LEU B 165 -32.90 15.70 -30.13
C LEU B 165 -34.40 15.93 -30.28
N LEU B 166 -34.78 16.77 -31.24
CA LEU B 166 -36.18 17.14 -31.44
C LEU B 166 -36.78 16.23 -32.51
N VAL B 167 -37.82 15.49 -32.11
CA VAL B 167 -38.51 14.54 -32.99
C VAL B 167 -39.98 14.94 -33.06
N LYS B 168 -40.48 15.16 -34.27
CA LYS B 168 -41.85 15.58 -34.46
C LYS B 168 -42.27 15.24 -35.89
N ASN B 169 -43.57 15.38 -36.14
CA ASN B 169 -44.12 15.10 -37.46
C ASN B 169 -43.74 16.21 -38.45
N ILE B 170 -43.87 15.89 -39.73
CA ILE B 170 -43.56 16.85 -40.78
C ILE B 170 -44.64 16.81 -41.86
N ILE B 177 -41.99 11.76 -39.47
CA ILE B 177 -41.12 11.92 -38.31
C ILE B 177 -39.74 12.41 -38.76
N ALA B 178 -39.29 13.51 -38.16
CA ALA B 178 -37.99 14.10 -38.47
C ALA B 178 -37.20 14.29 -37.19
N CYS B 179 -35.95 13.84 -37.19
CA CYS B 179 -35.04 14.01 -36.07
C CYS B 179 -33.85 14.84 -36.52
N ASP B 180 -33.50 15.85 -35.74
CA ASP B 180 -32.48 16.82 -36.12
C ASP B 180 -31.31 16.90 -35.16
N LEU B 181 -31.57 16.84 -33.85
CA LEU B 181 -30.54 16.92 -32.81
C LEU B 181 -29.76 18.24 -32.91
N ALA B 182 -30.48 19.32 -32.63
CA ALA B 182 -29.84 20.62 -32.52
C ALA B 182 -28.91 20.66 -31.32
N VAL B 183 -28.05 21.66 -31.28
CA VAL B 183 -27.05 21.85 -30.23
C VAL B 183 -27.43 23.06 -29.41
N ASN B 184 -27.56 22.87 -28.09
CA ASN B 184 -27.95 23.98 -27.21
C ASN B 184 -26.73 24.81 -26.83
N GLU B 185 -25.70 24.18 -26.25
CA GLU B 185 -24.45 24.85 -25.93
C GLU B 185 -23.30 24.07 -26.54
N ASP B 186 -22.22 24.79 -26.82
CA ASP B 186 -21.07 24.18 -27.47
C ASP B 186 -20.43 23.15 -26.55
N PRO B 187 -19.94 22.04 -27.10
CA PRO B 187 -19.27 21.03 -26.27
C PRO B 187 -17.85 21.40 -25.92
N VAL B 188 -17.13 20.49 -25.28
CA VAL B 188 -15.73 20.67 -24.92
C VAL B 188 -14.91 19.67 -25.72
N ASP B 189 -13.86 20.16 -26.38
CA ASP B 189 -13.03 19.28 -27.20
C ASP B 189 -12.36 18.20 -26.36
N SER B 190 -11.77 18.59 -25.23
CA SER B 190 -11.16 17.73 -24.21
C SER B 190 -9.89 17.05 -24.70
N ASN B 191 -9.51 17.20 -25.96
CA ASN B 191 -8.29 16.56 -26.45
C ASN B 191 -7.36 17.52 -27.18
N LEU B 192 -7.90 18.48 -27.94
CA LEU B 192 -7.04 19.35 -28.74
C LEU B 192 -6.27 20.34 -27.87
N PRO B 193 -6.91 21.24 -27.13
CA PRO B 193 -6.15 22.17 -26.27
C PRO B 193 -5.41 21.47 -25.15
N VAL B 194 -5.82 20.26 -24.77
CA VAL B 194 -5.19 19.56 -23.65
C VAL B 194 -3.90 18.86 -24.09
N SER B 195 -3.72 18.62 -25.38
CA SER B 195 -2.54 17.90 -25.87
C SER B 195 -1.83 18.61 -27.01
N ILE B 196 -2.20 19.86 -27.31
CA ILE B 196 -1.53 20.61 -28.38
C ILE B 196 -0.46 21.50 -27.78
N ALA B 197 -0.87 22.45 -26.93
CA ALA B 197 0.06 23.32 -26.23
C ALA B 197 0.08 23.10 -24.72
N PHE B 198 -0.94 22.44 -24.17
CA PHE B 198 -0.93 22.12 -22.74
C PHE B 198 0.20 21.17 -22.39
N LEU B 199 0.53 20.24 -23.28
CA LEU B 199 1.65 19.34 -23.03
C LEU B 199 2.96 20.10 -22.95
N ILE B 200 3.17 21.05 -23.87
CA ILE B 200 4.39 21.85 -23.84
C ILE B 200 4.43 22.70 -22.58
N GLY B 201 3.30 23.32 -22.22
CA GLY B 201 3.26 24.12 -21.00
C GLY B 201 3.54 23.31 -19.75
N LEU B 202 2.96 22.11 -19.67
CA LEU B 202 3.19 21.25 -18.51
C LEU B 202 4.63 20.77 -18.46
N ALA B 203 5.23 20.44 -19.61
CA ALA B 203 6.63 20.05 -19.63
C ALA B 203 7.52 21.19 -19.16
N VAL B 204 7.23 22.42 -19.63
CA VAL B 204 7.98 23.58 -19.18
C VAL B 204 7.84 23.75 -17.68
N ILE B 205 6.61 23.62 -17.17
CA ILE B 205 6.38 23.81 -15.73
C ILE B 205 7.14 22.77 -14.92
N ILE B 206 7.10 21.50 -15.34
CA ILE B 206 7.74 20.46 -14.55
C ILE B 206 9.26 20.58 -14.60
N VAL B 207 9.83 20.93 -15.77
CA VAL B 207 11.28 21.07 -15.83
C VAL B 207 11.72 22.30 -15.03
N ILE B 208 10.94 23.39 -15.07
CA ILE B 208 11.29 24.57 -14.29
C ILE B 208 11.22 24.26 -12.80
N SER B 209 10.17 23.55 -12.37
CA SER B 209 10.04 23.20 -10.96
C SER B 209 11.17 22.28 -10.51
N PHE B 210 11.53 21.29 -11.34
CA PHE B 210 12.64 20.40 -10.99
C PHE B 210 13.95 21.15 -10.89
N LEU B 211 14.22 22.06 -11.84
CA LEU B 211 15.44 22.85 -11.79
C LEU B 211 15.46 23.74 -10.55
N ARG B 212 14.33 24.36 -10.21
CA ARG B 212 14.25 25.20 -9.03
C ARG B 212 14.49 24.39 -7.76
N LEU B 213 13.91 23.18 -7.68
CA LEU B 213 14.12 22.33 -6.51
C LEU B 213 15.57 21.89 -6.41
N LEU B 214 16.20 21.59 -7.53
CA LEU B 214 17.58 21.12 -7.50
C LEU B 214 18.56 22.26 -7.20
N LEU B 215 18.23 23.49 -7.62
CA LEU B 215 19.14 24.62 -7.46
C LEU B 215 18.98 25.33 -6.14
N SER B 216 17.74 25.62 -5.74
CA SER B 216 17.50 26.39 -4.52
C SER B 216 18.01 25.66 -3.29
N LEU B 217 17.79 24.33 -3.23
CA LEU B 217 18.32 23.55 -2.13
C LEU B 217 19.84 23.58 -2.10
N ASP B 218 20.47 23.45 -3.27
CA ASP B 218 21.92 23.51 -3.35
C ASP B 218 22.43 24.94 -3.17
N ASP B 219 21.61 25.93 -3.49
CA ASP B 219 22.01 27.32 -3.30
C ASP B 219 22.24 27.63 -1.83
N PHE B 220 21.35 27.13 -0.95
CA PHE B 220 21.54 27.34 0.48
C PHE B 220 22.79 26.65 0.99
N ASN B 221 23.06 25.44 0.50
CA ASN B 221 24.27 24.73 0.93
C ASN B 221 25.52 25.45 0.47
N ASN B 222 25.54 25.94 -0.77
CA ASN B 222 26.69 26.70 -1.26
C ASN B 222 26.83 28.02 -0.50
N TRP B 223 25.71 28.68 -0.22
CA TRP B 223 25.77 29.93 0.54
C TRP B 223 26.27 29.69 1.96
N ILE B 224 25.84 28.57 2.57
CA ILE B 224 26.26 28.28 3.94
C ILE B 224 27.76 28.00 4.00
N SER B 225 28.31 27.37 2.95
CA SER B 225 29.74 27.07 2.92
C SER B 225 30.57 28.34 2.94
N LYS B 226 30.15 29.36 2.19
CA LYS B 226 30.88 30.62 2.17
C LYS B 226 30.88 31.28 3.55
N ALA B 227 29.73 31.28 4.22
CA ALA B 227 29.65 31.87 5.56
C ALA B 227 30.50 31.08 6.55
N ILE B 228 30.48 29.76 6.47
CA ILE B 228 31.23 28.92 7.38
C ILE B 228 32.73 29.04 7.11
N PRO B 265 29.52 -7.58 -23.40
CA PRO B 265 28.68 -7.82 -22.23
C PRO B 265 28.06 -6.54 -21.69
N PRO B 266 28.55 -5.39 -22.12
CA PRO B 266 27.95 -4.13 -21.70
C PRO B 266 26.53 -3.98 -22.22
N ARG B 267 25.70 -3.30 -21.44
CA ARG B 267 24.31 -3.11 -21.82
C ARG B 267 24.22 -2.27 -23.09
N LEU B 268 23.30 -2.65 -23.98
CA LEU B 268 23.22 -2.03 -25.30
C LEU B 268 22.84 -0.56 -25.23
N ARG B 269 21.92 -0.19 -24.35
CA ARG B 269 21.29 1.12 -24.16
C ARG B 269 20.22 1.39 -25.22
N SER B 270 20.14 0.60 -26.29
CA SER B 270 18.97 0.68 -27.15
C SER B 270 17.85 -0.20 -26.63
N VAL B 271 18.19 -1.41 -26.16
CA VAL B 271 17.24 -2.22 -25.43
C VAL B 271 16.80 -1.51 -24.16
N ASP B 272 17.75 -0.84 -23.49
CA ASP B 272 17.41 -0.06 -22.30
C ASP B 272 16.48 1.10 -22.64
N THR B 273 16.75 1.79 -23.75
CA THR B 273 15.87 2.89 -24.17
C THR B 273 14.48 2.37 -24.52
N PHE B 274 14.40 1.24 -25.22
CA PHE B 274 13.11 0.66 -25.55
C PHE B 274 12.33 0.26 -24.30
N ARG B 275 13.02 -0.38 -23.35
CA ARG B 275 12.36 -0.75 -22.10
C ARG B 275 11.90 0.48 -21.33
N GLY B 276 12.70 1.54 -21.36
CA GLY B 276 12.30 2.76 -20.68
C GLY B 276 11.11 3.45 -21.33
N ILE B 277 11.05 3.42 -22.66
CA ILE B 277 9.87 3.93 -23.36
C ILE B 277 8.64 3.14 -22.94
N ALA B 278 8.78 1.80 -22.92
CA ALA B 278 7.67 0.96 -22.50
C ALA B 278 7.27 1.24 -21.06
N LEU B 279 8.24 1.50 -20.19
CA LEU B 279 7.94 1.75 -18.78
C LEU B 279 7.27 3.10 -18.58
N ILE B 280 7.73 4.13 -19.29
CA ILE B 280 7.09 5.44 -19.19
C ILE B 280 5.65 5.34 -19.66
N LEU B 281 5.43 4.68 -20.80
CA LEU B 281 4.09 4.52 -21.31
C LEU B 281 3.23 3.70 -20.36
N MET B 282 3.82 2.66 -19.74
CA MET B 282 3.06 1.80 -18.83
C MET B 282 2.69 2.53 -17.56
N VAL B 283 3.60 3.35 -17.02
CA VAL B 283 3.27 4.14 -15.85
C VAL B 283 2.19 5.16 -16.17
N PHE B 284 2.27 5.78 -17.36
CA PHE B 284 1.26 6.75 -17.73
C PHE B 284 -0.11 6.11 -17.88
N VAL B 285 -0.18 4.95 -18.55
CA VAL B 285 -1.49 4.37 -18.85
C VAL B 285 -2.05 3.59 -17.67
N ASN B 286 -1.21 3.03 -16.81
CA ASN B 286 -1.71 2.34 -15.63
C ASN B 286 -2.29 3.32 -14.62
N TYR B 287 -1.65 4.48 -14.47
CA TYR B 287 -2.12 5.50 -13.55
C TYR B 287 -3.40 6.18 -14.02
N GLY B 288 -3.82 5.92 -15.26
CA GLY B 288 -5.06 6.48 -15.76
C GLY B 288 -4.95 7.02 -17.17
N GLY B 289 -3.79 7.55 -17.51
CA GLY B 289 -3.61 8.13 -18.84
C GLY B 289 -4.51 9.32 -19.10
N GLY B 290 -4.79 10.10 -18.06
CA GLY B 290 -5.75 11.18 -18.20
C GLY B 290 -7.19 10.71 -18.29
N LYS B 291 -7.43 9.42 -18.06
CA LYS B 291 -8.74 8.79 -18.23
C LYS B 291 -9.24 8.88 -19.67
N TYR B 292 -8.32 9.06 -20.62
CA TYR B 292 -8.69 9.06 -22.03
C TYR B 292 -8.92 7.64 -22.51
N TRP B 293 -9.90 7.48 -23.41
CA TRP B 293 -10.23 6.15 -23.88
C TRP B 293 -9.09 5.54 -24.69
N TYR B 294 -8.31 6.36 -25.38
CA TYR B 294 -7.23 5.86 -26.22
C TYR B 294 -5.94 5.62 -25.43
N PHE B 295 -5.91 5.94 -24.15
CA PHE B 295 -4.82 5.57 -23.27
C PHE B 295 -5.19 4.42 -22.35
N LYS B 296 -6.35 3.83 -22.55
CA LYS B 296 -6.79 2.64 -21.84
C LYS B 296 -6.67 1.42 -22.74
N HIS B 297 -6.86 0.25 -22.15
CA HIS B 297 -6.86 -0.98 -22.94
C HIS B 297 -8.12 -1.03 -23.79
N ALA B 298 -7.95 -1.37 -25.07
CA ALA B 298 -9.08 -1.41 -25.98
C ALA B 298 -10.10 -2.44 -25.50
N SER B 299 -11.37 -2.10 -25.66
CA SER B 299 -12.44 -3.04 -25.35
C SER B 299 -12.41 -4.14 -26.39
N TRP B 300 -11.81 -5.27 -26.02
CA TRP B 300 -11.62 -6.43 -26.90
C TRP B 300 -10.72 -6.04 -28.07
N ASN B 301 -11.20 -6.08 -29.32
CA ASN B 301 -10.32 -6.00 -30.47
C ASN B 301 -9.80 -4.58 -30.66
N GLY B 302 -8.67 -4.49 -31.35
CA GLY B 302 -8.06 -3.24 -31.70
C GLY B 302 -6.81 -2.97 -30.88
N LEU B 303 -6.17 -1.85 -31.20
CA LEU B 303 -4.96 -1.39 -30.51
C LEU B 303 -5.19 0.01 -29.96
N THR B 304 -4.70 0.23 -28.74
CA THR B 304 -4.57 1.57 -28.18
C THR B 304 -3.14 1.72 -27.69
N VAL B 305 -2.82 2.91 -27.15
CA VAL B 305 -1.47 3.16 -26.66
C VAL B 305 -1.15 2.25 -25.48
N ALA B 306 -2.16 1.89 -24.69
CA ALA B 306 -1.96 1.01 -23.54
C ALA B 306 -1.78 -0.45 -23.94
N ASP B 307 -2.11 -0.83 -25.17
CA ASP B 307 -2.03 -2.21 -25.61
C ASP B 307 -0.67 -2.56 -26.21
N LEU B 308 0.29 -1.64 -26.20
CA LEU B 308 1.59 -1.88 -26.80
C LEU B 308 2.67 -2.22 -25.79
N VAL B 309 2.52 -1.80 -24.54
CA VAL B 309 3.63 -1.88 -23.59
C VAL B 309 3.93 -3.32 -23.22
N PHE B 310 2.89 -4.10 -22.90
CA PHE B 310 3.11 -5.48 -22.45
C PHE B 310 3.77 -6.35 -23.52
N PRO B 311 3.30 -6.38 -24.77
CA PRO B 311 4.05 -7.14 -25.79
C PRO B 311 5.47 -6.61 -25.98
N TRP B 312 5.65 -5.29 -25.91
CA TRP B 312 7.00 -4.74 -25.98
C TRP B 312 7.84 -5.22 -24.83
N PHE B 313 7.26 -5.32 -23.63
CA PHE B 313 7.98 -5.83 -22.48
C PHE B 313 8.37 -7.28 -22.68
N VAL B 314 7.49 -8.09 -23.25
CA VAL B 314 7.82 -9.50 -23.49
C VAL B 314 8.91 -9.62 -24.56
N PHE B 315 8.83 -8.81 -25.62
CA PHE B 315 9.85 -8.78 -26.65
C PHE B 315 11.21 -8.41 -26.07
N ILE B 316 11.25 -7.35 -25.27
CA ILE B 316 12.50 -6.92 -24.64
C ILE B 316 12.99 -7.97 -23.66
N MET B 317 12.06 -8.64 -22.97
CA MET B 317 12.46 -9.70 -22.05
C MET B 317 13.14 -10.84 -22.79
N GLY B 318 12.61 -11.21 -23.96
CA GLY B 318 13.26 -12.24 -24.76
C GLY B 318 14.63 -11.80 -25.27
N SER B 319 14.72 -10.56 -25.76
CA SER B 319 16.00 -10.04 -26.21
C SER B 319 17.03 -10.07 -25.08
N SER B 320 16.62 -9.61 -23.90
CA SER B 320 17.49 -9.62 -22.74
C SER B 320 17.81 -11.05 -22.30
N ILE B 321 16.88 -11.98 -22.47
CA ILE B 321 17.17 -13.39 -22.21
C ILE B 321 18.35 -13.84 -23.05
N PHE B 322 18.30 -13.55 -24.36
CA PHE B 322 19.40 -13.99 -25.21
C PHE B 322 20.70 -13.26 -24.87
N LEU B 323 20.63 -11.96 -24.63
CA LEU B 323 21.85 -11.21 -24.34
C LEU B 323 22.50 -11.71 -23.05
N SER B 324 21.71 -11.86 -21.99
CA SER B 324 22.24 -12.35 -20.71
C SER B 324 22.73 -13.78 -20.82
N MET B 325 21.99 -14.64 -21.53
CA MET B 325 22.42 -16.02 -21.67
C MET B 325 23.74 -16.12 -22.42
N THR B 326 23.87 -15.36 -23.52
CA THR B 326 25.12 -15.39 -24.27
C THR B 326 26.28 -14.86 -23.43
N SER B 327 26.06 -13.77 -22.70
CA SER B 327 27.13 -13.22 -21.86
C SER B 327 27.55 -14.22 -20.79
N ILE B 328 26.57 -14.83 -20.10
CA ILE B 328 26.88 -15.75 -19.03
C ILE B 328 27.60 -16.99 -19.55
N LEU B 329 27.11 -17.54 -20.68
CA LEU B 329 27.72 -18.74 -21.22
C LEU B 329 29.10 -18.48 -21.78
N GLN B 330 29.32 -17.30 -22.38
CA GLN B 330 30.65 -16.97 -22.86
C GLN B 330 31.61 -16.64 -21.73
N ARG B 331 31.11 -16.19 -20.59
CA ARG B 331 31.97 -15.97 -19.43
C ARG B 331 32.46 -17.26 -18.81
N GLY B 332 31.92 -18.41 -19.23
CA GLY B 332 32.36 -19.69 -18.72
C GLY B 332 31.48 -20.30 -17.66
N CYS B 333 30.35 -19.66 -17.32
CA CYS B 333 29.47 -20.20 -16.30
C CYS B 333 28.76 -21.46 -16.80
N SER B 334 28.48 -22.37 -15.88
CA SER B 334 27.85 -23.63 -16.23
C SER B 334 26.39 -23.41 -16.62
N LYS B 335 25.85 -24.39 -17.36
CA LYS B 335 24.45 -24.31 -17.75
C LYS B 335 23.52 -24.61 -16.59
N PHE B 336 23.98 -25.39 -15.60
CA PHE B 336 23.11 -25.76 -14.50
C PHE B 336 22.92 -24.60 -13.53
N ARG B 337 23.98 -23.83 -13.27
CA ARG B 337 23.82 -22.63 -12.44
C ARG B 337 22.91 -21.63 -13.14
N LEU B 338 23.04 -21.49 -14.45
CA LEU B 338 22.16 -20.60 -15.20
C LEU B 338 20.72 -21.10 -15.17
N LEU B 339 20.52 -22.41 -15.24
CA LEU B 339 19.18 -22.97 -15.15
C LEU B 339 18.56 -22.72 -13.78
N GLY B 340 19.35 -22.86 -12.72
CA GLY B 340 18.87 -22.52 -11.40
C GLY B 340 18.50 -21.06 -11.28
N LYS B 341 19.31 -20.18 -11.88
CA LYS B 341 19.00 -18.76 -11.89
C LYS B 341 17.69 -18.49 -12.64
N ILE B 342 17.49 -19.17 -13.77
CA ILE B 342 16.25 -19.01 -14.54
C ILE B 342 15.05 -19.43 -13.72
N ALA B 343 15.14 -20.60 -13.08
CA ALA B 343 14.02 -21.10 -12.29
C ALA B 343 13.73 -20.18 -11.11
N TRP B 344 14.77 -19.71 -10.43
CA TRP B 344 14.56 -18.81 -9.30
C TRP B 344 13.94 -17.50 -9.74
N ARG B 345 14.39 -16.94 -10.86
CA ARG B 345 13.81 -15.69 -11.34
C ARG B 345 12.36 -15.87 -11.74
N SER B 346 12.03 -16.97 -12.42
CA SER B 346 10.64 -17.21 -12.80
C SER B 346 9.76 -17.39 -11.57
N PHE B 347 10.24 -18.14 -10.58
CA PHE B 347 9.47 -18.33 -9.35
C PHE B 347 9.26 -17.02 -8.62
N LEU B 348 10.30 -16.19 -8.53
CA LEU B 348 10.18 -14.91 -7.86
C LEU B 348 9.20 -14.00 -8.60
N LEU B 349 9.27 -13.97 -9.93
CA LEU B 349 8.34 -13.14 -10.69
C LEU B 349 6.91 -13.59 -10.49
N ILE B 350 6.67 -14.91 -10.52
CA ILE B 350 5.32 -15.43 -10.34
C ILE B 350 4.80 -15.08 -8.94
N CYS B 351 5.63 -15.27 -7.92
CA CYS B 351 5.21 -14.98 -6.55
C CYS B 351 4.94 -13.50 -6.35
N ILE B 352 5.81 -12.65 -6.89
CA ILE B 352 5.60 -11.21 -6.78
C ILE B 352 4.30 -10.81 -7.46
N GLY B 353 4.07 -11.31 -8.67
CA GLY B 353 2.83 -11.00 -9.36
C GLY B 353 1.60 -11.45 -8.60
N ILE B 354 1.65 -12.65 -8.03
CA ILE B 354 0.49 -13.19 -7.33
C ILE B 354 0.22 -12.40 -6.04
N ILE B 355 1.28 -12.07 -5.30
CA ILE B 355 1.11 -11.56 -3.95
C ILE B 355 1.01 -10.04 -3.92
N ILE B 356 1.90 -9.34 -4.61
CA ILE B 356 2.01 -7.90 -4.51
C ILE B 356 1.26 -7.19 -5.62
N VAL B 357 1.49 -7.59 -6.88
CA VAL B 357 1.02 -6.81 -8.01
C VAL B 357 -0.48 -7.03 -8.23
N ASN B 358 -0.91 -8.29 -8.31
CA ASN B 358 -2.30 -8.58 -8.67
C ASN B 358 -3.30 -8.03 -7.66
N PRO B 359 -3.21 -8.34 -6.37
CA PRO B 359 -4.31 -8.01 -5.45
C PRO B 359 -4.47 -6.51 -5.25
N ASN B 360 -5.71 -6.09 -5.08
CA ASN B 360 -6.06 -4.74 -4.66
C ASN B 360 -6.34 -4.81 -3.17
N TYR B 361 -5.30 -4.61 -2.37
CA TYR B 361 -5.43 -4.76 -0.92
C TYR B 361 -6.24 -3.66 -0.27
N CYS B 362 -6.56 -2.59 -1.01
CA CYS B 362 -7.44 -1.57 -0.46
C CYS B 362 -8.86 -2.11 -0.24
N LEU B 363 -9.25 -3.14 -0.99
CA LEU B 363 -10.57 -3.72 -0.82
C LEU B 363 -10.67 -4.51 0.48
N GLY B 364 -9.67 -5.34 0.76
CA GLY B 364 -9.68 -6.15 1.96
C GLY B 364 -8.60 -7.21 1.98
N PRO B 365 -8.61 -8.04 3.01
CA PRO B 365 -7.58 -9.10 3.12
C PRO B 365 -7.72 -10.14 2.03
N LEU B 366 -6.61 -10.80 1.76
CA LEU B 366 -6.54 -11.78 0.68
C LEU B 366 -7.08 -13.13 1.15
N SER B 367 -8.00 -13.69 0.36
CA SER B 367 -8.50 -15.04 0.57
C SER B 367 -8.11 -15.91 -0.62
N TRP B 368 -7.85 -17.19 -0.35
CA TRP B 368 -7.36 -18.07 -1.40
C TRP B 368 -8.39 -18.26 -2.50
N ASP B 369 -9.67 -18.39 -2.12
CA ASP B 369 -10.71 -18.64 -3.12
C ASP B 369 -11.09 -17.40 -3.92
N LYS B 370 -10.47 -16.25 -3.64
CA LYS B 370 -10.68 -15.03 -4.41
C LYS B 370 -9.34 -14.37 -4.73
N VAL B 371 -8.37 -15.15 -5.19
CA VAL B 371 -7.04 -14.65 -5.55
C VAL B 371 -6.84 -14.85 -7.04
N ARG B 372 -6.27 -13.84 -7.70
CA ARG B 372 -6.07 -13.88 -9.14
C ARG B 372 -4.74 -14.56 -9.43
N ILE B 373 -4.80 -15.83 -9.83
CA ILE B 373 -3.58 -16.57 -10.16
C ILE B 373 -2.86 -15.98 -11.37
N PRO B 374 -3.51 -15.70 -12.50
CA PRO B 374 -2.79 -15.12 -13.64
C PRO B 374 -2.51 -13.65 -13.41
N GLY B 375 -1.64 -13.11 -14.27
CA GLY B 375 -1.30 -11.72 -14.17
C GLY B 375 -0.15 -11.38 -15.10
N VAL B 376 0.24 -10.11 -15.04
CA VAL B 376 1.33 -9.62 -15.90
C VAL B 376 2.64 -10.30 -15.52
N LEU B 377 2.99 -10.27 -14.24
CA LEU B 377 4.27 -10.83 -13.82
C LEU B 377 4.25 -12.35 -13.82
N GLN B 378 3.09 -12.97 -13.57
CA GLN B 378 3.01 -14.42 -13.68
C GLN B 378 3.22 -14.88 -15.12
N ARG B 379 2.59 -14.19 -16.07
CA ARG B 379 2.79 -14.51 -17.48
C ARG B 379 4.23 -14.25 -17.89
N LEU B 380 4.81 -13.13 -17.43
CA LEU B 380 6.21 -12.85 -17.73
C LEU B 380 7.12 -13.93 -17.18
N GLY B 381 6.85 -14.41 -15.96
CA GLY B 381 7.66 -15.48 -15.39
C GLY B 381 7.53 -16.79 -16.13
N VAL B 382 6.30 -17.16 -16.51
CA VAL B 382 6.11 -18.42 -17.23
C VAL B 382 6.80 -18.37 -18.58
N THR B 383 6.63 -17.27 -19.32
CA THR B 383 7.27 -17.14 -20.62
C THR B 383 8.78 -17.04 -20.48
N TYR B 384 9.27 -16.35 -19.45
CA TYR B 384 10.69 -16.29 -19.20
C TYR B 384 11.25 -17.68 -18.97
N PHE B 385 10.59 -18.47 -18.12
CA PHE B 385 11.06 -19.82 -17.85
C PHE B 385 11.10 -20.63 -19.14
N VAL B 386 10.00 -20.64 -19.90
CA VAL B 386 9.93 -21.49 -21.09
C VAL B 386 10.98 -21.06 -22.10
N VAL B 387 11.04 -19.77 -22.42
CA VAL B 387 11.93 -19.29 -23.47
C VAL B 387 13.39 -19.39 -23.04
N ALA B 388 13.70 -19.02 -21.79
CA ALA B 388 15.06 -19.10 -21.31
C ALA B 388 15.55 -20.54 -21.25
N VAL B 389 14.69 -21.47 -20.81
CA VAL B 389 15.09 -22.86 -20.76
C VAL B 389 15.28 -23.42 -22.18
N LEU B 390 14.42 -23.00 -23.12
CA LEU B 390 14.60 -23.41 -24.50
C LEU B 390 15.93 -22.92 -25.06
N GLU B 391 16.25 -21.64 -24.81
CA GLU B 391 17.50 -21.07 -25.28
C GLU B 391 18.70 -21.74 -24.63
N LEU B 392 18.62 -22.03 -23.34
CA LEU B 392 19.71 -22.70 -22.64
C LEU B 392 19.91 -24.12 -23.16
N LEU B 393 18.82 -24.85 -23.37
CA LEU B 393 18.93 -26.23 -23.85
C LEU B 393 19.52 -26.26 -25.25
N PHE B 394 18.97 -25.45 -26.16
CA PHE B 394 19.55 -25.32 -27.51
C PHE B 394 20.37 -24.04 -27.54
N ALA B 395 21.54 -24.10 -26.91
CA ALA B 395 22.44 -22.95 -26.82
C ALA B 395 23.68 -23.22 -27.64
N LYS B 396 24.03 -22.27 -28.51
CA LYS B 396 25.21 -22.36 -29.34
C LYS B 396 26.01 -21.07 -29.25
N PRO B 397 27.33 -21.16 -29.34
CA PRO B 397 28.14 -19.93 -29.32
C PRO B 397 27.91 -19.10 -30.58
N VAL B 398 27.99 -17.78 -30.40
CA VAL B 398 27.83 -16.88 -31.55
C VAL B 398 29.06 -16.96 -32.43
N PRO B 399 28.93 -17.22 -33.71
CA PRO B 399 30.10 -17.35 -34.59
C PRO B 399 30.68 -15.99 -34.93
N GLU B 400 31.70 -16.01 -35.79
CA GLU B 400 32.35 -14.78 -36.22
C GLU B 400 32.93 -14.95 -37.62
N SER B 407 28.35 -12.57 -44.37
CA SER B 407 27.58 -11.84 -43.38
C SER B 407 26.47 -11.03 -44.05
N CYS B 408 26.71 -10.62 -45.30
CA CYS B 408 25.69 -9.86 -46.03
C CYS B 408 24.44 -10.69 -46.24
N LEU B 409 24.60 -11.98 -46.57
CA LEU B 409 23.48 -12.91 -46.71
C LEU B 409 23.93 -14.22 -46.06
N SER B 410 23.67 -14.34 -44.77
CA SER B 410 24.10 -15.50 -43.99
C SER B 410 22.94 -16.33 -43.48
N LEU B 411 21.95 -15.69 -42.85
CA LEU B 411 20.76 -16.37 -42.32
C LEU B 411 21.13 -17.43 -41.30
N ARG B 412 22.30 -17.29 -40.67
CA ARG B 412 22.78 -18.31 -39.74
C ARG B 412 22.06 -18.26 -38.40
N ASP B 413 21.62 -17.07 -37.96
CA ASP B 413 20.96 -16.96 -36.68
C ASP B 413 19.55 -17.54 -36.68
N ILE B 414 19.01 -17.87 -37.85
CA ILE B 414 17.73 -18.55 -37.91
C ILE B 414 17.91 -20.07 -37.99
N THR B 415 18.90 -20.54 -38.73
CA THR B 415 19.13 -21.97 -38.85
C THR B 415 19.79 -22.54 -37.59
N SER B 416 20.57 -21.73 -36.87
CA SER B 416 21.18 -22.21 -35.64
C SER B 416 20.11 -22.55 -34.61
N SER B 417 19.10 -21.71 -34.47
CA SER B 417 17.98 -21.98 -33.59
C SER B 417 16.82 -22.62 -34.35
N TRP B 418 17.09 -23.68 -35.10
CA TRP B 418 16.02 -24.39 -35.78
C TRP B 418 15.19 -25.26 -34.82
N PRO B 419 15.77 -25.88 -33.77
CA PRO B 419 14.90 -26.60 -32.84
C PRO B 419 13.96 -25.68 -32.08
N GLN B 420 14.44 -24.53 -31.63
CA GLN B 420 13.58 -23.56 -30.96
C GLN B 420 12.50 -23.05 -31.92
N TRP B 421 12.85 -22.81 -33.18
CA TRP B 421 11.86 -22.35 -34.14
C TRP B 421 10.82 -23.41 -34.41
N LEU B 422 11.23 -24.68 -34.50
CA LEU B 422 10.27 -25.77 -34.67
C LEU B 422 9.34 -25.87 -33.47
N LEU B 423 9.88 -25.76 -32.26
CA LEU B 423 9.05 -25.84 -31.07
C LEU B 423 8.09 -24.66 -31.00
N ILE B 424 8.53 -23.47 -31.41
CA ILE B 424 7.67 -22.30 -31.41
C ILE B 424 6.58 -22.45 -32.45
N LEU B 425 6.90 -23.02 -33.62
CA LEU B 425 5.88 -23.28 -34.62
C LEU B 425 4.85 -24.29 -34.11
N VAL B 426 5.31 -25.32 -33.39
CA VAL B 426 4.38 -26.30 -32.83
C VAL B 426 3.50 -25.64 -31.78
N LEU B 427 4.08 -24.79 -30.94
CA LEU B 427 3.29 -24.08 -29.93
C LEU B 427 2.25 -23.16 -30.58
N GLU B 428 2.64 -22.44 -31.62
CA GLU B 428 1.70 -21.57 -32.32
C GLU B 428 0.60 -22.37 -32.98
N GLY B 429 0.94 -23.52 -33.57
CA GLY B 429 -0.09 -24.39 -34.11
C GLY B 429 -1.04 -24.90 -33.04
N LEU B 430 -0.51 -25.20 -31.86
CA LEU B 430 -1.37 -25.61 -30.75
C LEU B 430 -2.29 -24.48 -30.31
N TRP B 431 -1.76 -23.25 -30.26
CA TRP B 431 -2.60 -22.11 -29.91
C TRP B 431 -3.72 -21.92 -30.93
N LEU B 432 -3.38 -22.01 -32.23
CA LEU B 432 -4.40 -21.89 -33.27
C LEU B 432 -5.43 -23.00 -33.17
N GLY B 433 -4.97 -24.24 -32.94
CA GLY B 433 -5.90 -25.35 -32.85
C GLY B 433 -6.83 -25.24 -31.66
N LEU B 434 -6.29 -24.87 -30.50
CA LEU B 434 -7.13 -24.70 -29.33
C LEU B 434 -8.08 -23.51 -29.50
N THR B 435 -7.64 -22.47 -30.21
CA THR B 435 -8.48 -21.29 -30.36
C THR B 435 -9.63 -21.53 -31.34
N PHE B 436 -9.36 -22.22 -32.45
CA PHE B 436 -10.33 -22.35 -33.52
C PHE B 436 -11.02 -23.70 -33.60
N LEU B 437 -10.60 -24.68 -32.80
CA LEU B 437 -11.15 -26.02 -32.89
C LEU B 437 -11.64 -26.59 -31.57
N LEU B 438 -11.22 -26.05 -30.43
CA LEU B 438 -11.67 -26.59 -29.15
C LEU B 438 -13.15 -26.29 -28.96
N PRO B 439 -13.99 -27.30 -28.76
CA PRO B 439 -15.44 -27.06 -28.59
C PRO B 439 -15.74 -26.58 -27.18
N VAL B 440 -16.13 -25.32 -27.06
CA VAL B 440 -16.52 -24.74 -25.77
C VAL B 440 -18.01 -25.00 -25.57
N PRO B 441 -18.41 -25.60 -24.45
CA PRO B 441 -19.83 -25.85 -24.22
C PRO B 441 -20.61 -24.55 -24.12
N GLY B 442 -21.81 -24.56 -24.71
CA GLY B 442 -22.64 -23.37 -24.72
C GLY B 442 -21.99 -22.18 -25.38
N CYS B 443 -21.25 -22.41 -26.46
CA CYS B 443 -20.47 -21.36 -27.10
C CYS B 443 -20.00 -21.84 -28.47
N PRO B 444 -19.98 -20.97 -29.48
CA PRO B 444 -19.48 -21.39 -30.79
C PRO B 444 -18.01 -21.76 -30.73
N THR B 445 -17.63 -22.75 -31.55
CA THR B 445 -16.24 -23.12 -31.66
C THR B 445 -15.48 -22.06 -32.45
N GLY B 446 -14.26 -21.77 -32.00
CA GLY B 446 -13.46 -20.73 -32.63
C GLY B 446 -14.03 -19.34 -32.43
N TYR B 447 -14.55 -19.05 -31.24
CA TYR B 447 -15.18 -17.77 -30.95
C TYR B 447 -14.12 -16.78 -30.47
N LEU B 448 -13.89 -15.73 -31.24
CA LEU B 448 -12.94 -14.69 -30.90
C LEU B 448 -13.59 -13.43 -30.36
N GLY B 449 -14.90 -13.43 -30.19
CA GLY B 449 -15.61 -12.25 -29.77
C GLY B 449 -15.60 -12.07 -28.27
N PRO B 450 -16.15 -10.94 -27.83
CA PRO B 450 -16.10 -10.57 -26.41
C PRO B 450 -17.28 -11.05 -25.58
N GLY B 451 -18.30 -11.65 -26.18
CA GLY B 451 -19.46 -12.01 -25.40
C GLY B 451 -20.24 -10.77 -25.00
N GLY B 452 -21.08 -10.94 -23.98
CA GLY B 452 -21.90 -9.84 -23.53
C GLY B 452 -22.87 -9.41 -24.61
N ILE B 453 -23.13 -8.09 -24.66
CA ILE B 453 -23.99 -7.55 -25.71
C ILE B 453 -23.31 -7.52 -27.06
N GLY B 454 -22.01 -7.77 -27.11
CA GLY B 454 -21.32 -7.88 -28.38
C GLY B 454 -21.77 -9.10 -29.16
N ASP B 455 -21.52 -9.05 -30.48
CA ASP B 455 -21.97 -10.09 -31.41
C ASP B 455 -23.48 -10.28 -31.31
N PHE B 456 -24.21 -9.17 -31.15
CA PHE B 456 -25.66 -9.14 -31.06
C PHE B 456 -26.18 -9.85 -29.81
N GLY B 457 -25.33 -10.03 -28.80
CA GLY B 457 -25.76 -10.58 -27.53
C GLY B 457 -26.23 -12.01 -27.56
N LYS B 458 -25.92 -12.76 -28.62
CA LYS B 458 -26.35 -14.15 -28.69
C LYS B 458 -25.42 -15.09 -27.95
N TYR B 459 -24.27 -14.60 -27.47
CA TYR B 459 -23.36 -15.37 -26.63
C TYR B 459 -23.04 -14.54 -25.40
N PRO B 460 -24.01 -14.42 -24.48
CA PRO B 460 -23.80 -13.51 -23.34
C PRO B 460 -22.62 -13.88 -22.46
N ASN B 461 -22.37 -15.17 -22.25
CA ASN B 461 -21.23 -15.62 -21.46
C ASN B 461 -20.32 -16.41 -22.39
N CYS B 462 -19.53 -15.69 -23.18
CA CYS B 462 -18.55 -16.32 -24.06
C CYS B 462 -17.27 -15.51 -24.19
N THR B 463 -16.98 -14.62 -23.25
CA THR B 463 -15.84 -13.72 -23.38
C THR B 463 -14.54 -14.52 -23.48
N GLY B 464 -13.88 -14.41 -24.63
CA GLY B 464 -12.66 -15.11 -24.90
C GLY B 464 -12.84 -16.38 -25.70
N GLY B 465 -14.00 -17.01 -25.61
CA GLY B 465 -14.24 -18.25 -26.29
C GLY B 465 -13.37 -19.36 -25.75
N ALA B 466 -12.42 -19.84 -26.56
CA ALA B 466 -11.59 -20.97 -26.17
C ALA B 466 -10.64 -20.61 -25.03
N ALA B 467 -9.98 -19.45 -25.12
CA ALA B 467 -9.05 -19.04 -24.07
C ALA B 467 -9.78 -18.84 -22.74
N GLY B 468 -10.92 -18.16 -22.78
CA GLY B 468 -11.70 -17.98 -21.56
C GLY B 468 -12.21 -19.29 -21.00
N TYR B 469 -12.65 -20.19 -21.88
CA TYR B 469 -13.08 -21.51 -21.42
C TYR B 469 -11.95 -22.26 -20.76
N ILE B 470 -10.76 -22.23 -21.36
CA ILE B 470 -9.62 -22.96 -20.82
C ILE B 470 -9.24 -22.41 -19.44
N ASP B 471 -9.14 -21.09 -19.32
CA ASP B 471 -8.70 -20.55 -18.03
C ASP B 471 -9.80 -20.65 -16.97
N ARG B 472 -11.07 -20.59 -17.36
CA ARG B 472 -12.15 -20.82 -16.40
C ARG B 472 -12.19 -22.26 -15.94
N LEU B 473 -11.90 -23.21 -16.85
CA LEU B 473 -11.94 -24.62 -16.50
C LEU B 473 -10.74 -25.03 -15.67
N LEU B 474 -9.58 -24.42 -15.90
CA LEU B 474 -8.37 -24.80 -15.19
C LEU B 474 -8.18 -24.04 -13.88
N LEU B 475 -8.54 -22.75 -13.84
CA LEU B 475 -8.34 -21.94 -12.65
C LEU B 475 -9.63 -21.55 -11.95
N GLY B 476 -10.77 -21.61 -12.62
CA GLY B 476 -12.01 -21.20 -11.98
C GLY B 476 -12.31 -19.74 -12.20
N ASP B 477 -13.61 -19.42 -12.23
CA ASP B 477 -14.05 -18.05 -12.47
C ASP B 477 -13.57 -17.11 -11.38
N ASP B 478 -13.36 -17.61 -10.17
CA ASP B 478 -12.96 -16.75 -9.05
C ASP B 478 -11.51 -16.34 -9.14
N HIS B 479 -10.65 -17.19 -9.70
CA HIS B 479 -9.22 -16.93 -9.77
C HIS B 479 -8.81 -16.25 -11.06
N LEU B 480 -9.71 -15.50 -11.68
CA LEU B 480 -9.43 -14.76 -12.90
C LEU B 480 -9.61 -13.27 -12.66
N TYR B 481 -9.47 -12.49 -13.72
CA TYR B 481 -9.65 -11.05 -13.66
C TYR B 481 -11.14 -10.75 -13.72
N GLN B 482 -11.69 -10.27 -12.60
CA GLN B 482 -13.13 -10.09 -12.50
C GLN B 482 -13.64 -8.89 -13.28
N HIS B 483 -12.76 -8.02 -13.76
CA HIS B 483 -13.15 -6.83 -14.53
C HIS B 483 -12.35 -6.79 -15.82
N PRO B 484 -12.70 -7.62 -16.79
CA PRO B 484 -12.03 -7.55 -18.10
C PRO B 484 -12.34 -6.23 -18.79
N SER B 485 -11.44 -5.83 -19.69
CA SER B 485 -11.55 -4.53 -20.35
C SER B 485 -12.83 -4.41 -21.16
N SER B 486 -13.47 -5.53 -21.51
CA SER B 486 -14.71 -5.49 -22.27
C SER B 486 -15.94 -5.31 -21.39
N ALA B 487 -15.79 -5.34 -20.07
CA ALA B 487 -16.94 -5.27 -19.18
C ALA B 487 -17.67 -3.95 -19.25
N VAL B 488 -17.02 -2.88 -19.73
CA VAL B 488 -17.64 -1.58 -19.77
C VAL B 488 -18.34 -1.34 -21.11
N LEU B 489 -17.77 -1.81 -22.20
CA LEU B 489 -18.35 -1.56 -23.52
C LEU B 489 -19.33 -2.66 -23.94
N TYR B 490 -18.96 -3.93 -23.76
CA TYR B 490 -19.80 -5.04 -24.15
C TYR B 490 -20.63 -5.59 -23.00
N HIS B 491 -20.51 -5.01 -21.81
CA HIS B 491 -21.31 -5.40 -20.65
C HIS B 491 -21.21 -6.90 -20.38
N THR B 492 -19.99 -7.42 -20.46
CA THR B 492 -19.76 -8.83 -20.15
C THR B 492 -19.85 -9.06 -18.65
N GLU B 493 -20.47 -10.17 -18.26
CA GLU B 493 -20.65 -10.50 -16.85
C GLU B 493 -19.72 -11.60 -16.38
N VAL B 494 -18.90 -12.16 -17.26
CA VAL B 494 -17.98 -13.24 -16.88
C VAL B 494 -16.60 -12.65 -16.64
N ALA B 495 -15.82 -13.35 -15.83
CA ALA B 495 -14.47 -12.94 -15.50
C ALA B 495 -13.51 -13.55 -16.52
N TYR B 496 -12.83 -12.69 -17.28
CA TYR B 496 -11.85 -13.12 -18.26
C TYR B 496 -10.50 -12.49 -17.92
N ASP B 497 -9.46 -13.31 -17.88
CA ASP B 497 -8.13 -12.83 -17.55
C ASP B 497 -7.34 -12.59 -18.82
N PRO B 498 -6.93 -11.35 -19.12
CA PRO B 498 -6.14 -11.13 -20.33
C PRO B 498 -4.83 -11.90 -20.33
N GLU B 499 -4.21 -12.04 -19.17
CA GLU B 499 -2.99 -12.84 -19.03
C GLU B 499 -3.31 -14.28 -18.63
N GLY B 500 -4.20 -14.91 -19.38
CA GLY B 500 -4.68 -16.24 -19.05
C GLY B 500 -3.68 -17.32 -19.38
N ILE B 501 -4.21 -18.49 -19.72
CA ILE B 501 -3.39 -19.67 -19.97
C ILE B 501 -3.08 -19.85 -21.45
N LEU B 502 -4.11 -19.77 -22.30
CA LEU B 502 -3.90 -20.00 -23.73
C LEU B 502 -3.01 -18.92 -24.34
N GLY B 503 -3.20 -17.67 -23.96
CA GLY B 503 -2.38 -16.59 -24.49
C GLY B 503 -0.94 -16.64 -24.06
N THR B 504 -0.60 -17.46 -23.07
CA THR B 504 0.80 -17.61 -22.68
C THR B 504 1.62 -18.22 -23.81
N ILE B 505 0.98 -19.01 -24.67
CA ILE B 505 1.68 -19.55 -25.84
C ILE B 505 2.13 -18.41 -26.76
N ASN B 506 1.24 -17.46 -27.01
CA ASN B 506 1.60 -16.33 -27.86
C ASN B 506 2.58 -15.40 -27.15
N SER B 507 2.49 -15.29 -25.83
CA SER B 507 3.48 -14.54 -25.08
C SER B 507 4.86 -15.18 -25.22
N ILE B 508 4.92 -16.52 -25.18
CA ILE B 508 6.17 -17.23 -25.40
C ILE B 508 6.67 -16.99 -26.82
N VAL B 509 5.77 -17.00 -27.80
CA VAL B 509 6.16 -16.77 -29.18
C VAL B 509 6.75 -15.37 -29.34
N MET B 510 6.14 -14.37 -28.73
CA MET B 510 6.63 -13.01 -28.87
C MET B 510 7.95 -12.81 -28.11
N ALA B 511 8.10 -13.48 -26.96
CA ALA B 511 9.39 -13.49 -26.28
C ALA B 511 10.46 -14.13 -27.15
N PHE B 512 10.10 -15.16 -27.90
CA PHE B 512 11.08 -15.77 -28.79
C PHE B 512 11.39 -14.89 -29.98
N LEU B 513 10.44 -14.09 -30.44
CA LEU B 513 10.75 -13.08 -31.45
C LEU B 513 11.71 -12.04 -30.90
N GLY B 514 11.54 -11.66 -29.63
CA GLY B 514 12.54 -10.83 -28.97
C GLY B 514 13.90 -11.50 -28.90
N VAL B 515 13.91 -12.81 -28.64
CA VAL B 515 15.15 -13.59 -28.64
C VAL B 515 15.80 -13.53 -30.02
N GLN B 516 14.97 -13.60 -31.07
CA GLN B 516 15.50 -13.46 -32.42
C GLN B 516 16.12 -12.10 -32.65
N ALA B 517 15.49 -11.05 -32.13
CA ALA B 517 16.09 -9.72 -32.21
C ALA B 517 17.43 -9.66 -31.50
N GLY B 518 17.51 -10.29 -30.32
CA GLY B 518 18.79 -10.37 -29.62
C GLY B 518 19.84 -11.15 -30.38
N LYS B 519 19.41 -12.22 -31.06
CA LYS B 519 20.33 -12.97 -31.91
C LYS B 519 20.85 -12.11 -33.04
N ILE B 520 19.98 -11.32 -33.66
CA ILE B 520 20.40 -10.39 -34.70
C ILE B 520 21.41 -9.40 -34.14
N LEU B 521 21.15 -8.88 -32.95
CA LEU B 521 22.03 -7.88 -32.35
C LEU B 521 23.40 -8.46 -32.03
N LEU B 522 23.45 -9.68 -31.50
CA LEU B 522 24.72 -10.23 -31.03
C LEU B 522 25.52 -10.92 -32.13
N TYR B 523 24.86 -11.61 -33.05
CA TYR B 523 25.58 -12.30 -34.13
C TYR B 523 26.33 -11.29 -34.99
N TYR B 524 25.63 -10.27 -35.47
CA TYR B 524 26.24 -9.24 -36.31
C TYR B 524 26.59 -8.01 -35.48
N LYS B 525 27.42 -8.22 -34.45
CA LYS B 525 27.75 -7.13 -33.55
C LYS B 525 28.51 -6.03 -34.27
N ALA B 526 29.45 -6.39 -35.13
CA ALA B 526 30.27 -5.40 -35.84
C ALA B 526 29.68 -5.00 -37.18
N ARG B 527 28.59 -5.62 -37.62
CA ARG B 527 27.97 -5.34 -38.91
C ARG B 527 26.66 -4.59 -38.65
N THR B 528 26.75 -3.26 -38.58
CA THR B 528 25.56 -2.45 -38.35
C THR B 528 24.58 -2.56 -39.51
N LYS B 529 25.09 -2.57 -40.74
CA LYS B 529 24.21 -2.69 -41.90
C LYS B 529 23.47 -4.02 -41.89
N ASP B 530 24.15 -5.09 -41.49
CA ASP B 530 23.49 -6.39 -41.40
C ASP B 530 22.39 -6.38 -40.33
N ILE B 531 22.66 -5.74 -39.18
CA ILE B 531 21.64 -5.64 -38.14
C ILE B 531 20.43 -4.87 -38.65
N LEU B 532 20.66 -3.75 -39.34
CA LEU B 532 19.56 -2.96 -39.85
C LEU B 532 18.76 -3.73 -40.91
N ILE B 533 19.46 -4.46 -41.78
CA ILE B 533 18.78 -5.26 -42.79
C ILE B 533 17.93 -6.33 -42.15
N ARG B 534 18.47 -7.03 -41.15
CA ARG B 534 17.70 -8.06 -40.47
C ARG B 534 16.49 -7.48 -39.75
N PHE B 535 16.68 -6.33 -39.09
CA PHE B 535 15.58 -5.70 -38.36
C PHE B 535 14.47 -5.28 -39.31
N THR B 536 14.82 -4.66 -40.44
CA THR B 536 13.78 -4.24 -41.37
C THR B 536 13.13 -5.44 -42.05
N ALA B 537 13.89 -6.52 -42.32
CA ALA B 537 13.30 -7.71 -42.91
C ALA B 537 12.30 -8.35 -41.96
N TRP B 538 12.66 -8.48 -40.68
CA TRP B 538 11.74 -9.06 -39.70
C TRP B 538 10.52 -8.17 -39.49
N CYS B 539 10.74 -6.85 -39.43
CA CYS B 539 9.62 -5.92 -39.28
C CYS B 539 8.66 -6.04 -40.45
N CYS B 540 9.18 -6.09 -41.67
CA CYS B 540 8.32 -6.21 -42.85
C CYS B 540 7.61 -7.55 -42.89
N ILE B 541 8.30 -8.64 -42.54
CA ILE B 541 7.67 -9.95 -42.58
C ILE B 541 6.53 -10.04 -41.57
N LEU B 542 6.78 -9.57 -40.34
CA LEU B 542 5.74 -9.62 -39.32
C LEU B 542 4.61 -8.65 -39.62
N GLY B 543 4.91 -7.50 -40.23
CA GLY B 543 3.84 -6.62 -40.68
C GLY B 543 2.99 -7.23 -41.76
N LEU B 544 3.61 -7.97 -42.69
CA LEU B 544 2.86 -8.67 -43.72
C LEU B 544 1.98 -9.74 -43.11
N ILE B 545 2.50 -10.49 -42.13
CA ILE B 545 1.69 -11.49 -41.44
C ILE B 545 0.50 -10.82 -40.75
N SER B 546 0.74 -9.69 -40.08
CA SER B 546 -0.33 -8.99 -39.38
C SER B 546 -1.38 -8.48 -40.36
N VAL B 547 -0.94 -7.95 -41.51
CA VAL B 547 -1.87 -7.47 -42.51
C VAL B 547 -2.71 -8.61 -43.05
N ALA B 548 -2.08 -9.76 -43.32
CA ALA B 548 -2.83 -10.91 -43.82
C ALA B 548 -3.85 -11.39 -42.79
N LEU B 549 -3.46 -11.42 -41.52
CA LEU B 549 -4.35 -11.97 -40.50
C LEU B 549 -5.50 -11.01 -40.17
N THR B 550 -5.23 -9.72 -40.08
CA THR B 550 -6.24 -8.74 -39.70
C THR B 550 -6.93 -8.08 -40.87
N LYS B 551 -6.37 -8.18 -42.08
CA LYS B 551 -6.89 -7.47 -43.25
C LYS B 551 -6.93 -5.96 -43.03
N VAL B 552 -6.04 -5.47 -42.16
CA VAL B 552 -5.99 -4.08 -41.72
C VAL B 552 -7.42 -3.70 -41.29
N SER B 553 -7.82 -4.20 -40.14
CA SER B 553 -9.14 -3.98 -39.58
C SER B 553 -9.13 -4.48 -38.14
N GLU B 554 -9.72 -3.70 -37.24
CA GLU B 554 -9.65 -4.07 -35.83
C GLU B 554 -10.58 -5.25 -35.53
N ASN B 555 -11.74 -5.32 -36.18
CA ASN B 555 -12.73 -6.33 -35.86
C ASN B 555 -12.91 -7.38 -36.95
N GLU B 556 -12.36 -7.17 -38.15
CA GLU B 556 -12.42 -8.15 -39.21
C GLU B 556 -11.07 -8.85 -39.33
N GLY B 557 -11.01 -9.80 -40.26
CA GLY B 557 -9.82 -10.60 -40.47
C GLY B 557 -9.91 -11.95 -39.78
N PHE B 558 -8.98 -12.83 -40.17
CA PHE B 558 -8.95 -14.17 -39.60
C PHE B 558 -8.68 -14.12 -38.10
N ILE B 559 -7.63 -13.44 -37.70
CA ILE B 559 -7.30 -13.25 -36.30
C ILE B 559 -7.17 -11.75 -36.04
N PRO B 560 -8.22 -11.07 -35.59
CA PRO B 560 -8.09 -9.64 -35.31
C PRO B 560 -7.16 -9.38 -34.13
N VAL B 561 -6.55 -8.20 -34.14
CA VAL B 561 -5.63 -7.83 -33.07
C VAL B 561 -6.40 -7.75 -31.76
N ASN B 562 -5.92 -8.47 -30.75
CA ASN B 562 -6.63 -8.58 -29.48
C ASN B 562 -5.61 -8.75 -28.37
N LYS B 563 -5.57 -7.79 -27.43
CA LYS B 563 -4.71 -7.96 -26.26
C LYS B 563 -5.26 -9.01 -25.32
N ASN B 564 -6.59 -9.04 -25.14
CA ASN B 564 -7.19 -9.97 -24.20
C ASN B 564 -6.93 -11.41 -24.61
N LEU B 565 -7.10 -11.73 -25.89
CA LEU B 565 -6.78 -13.05 -26.40
C LEU B 565 -5.29 -13.24 -26.66
N TRP B 566 -4.51 -12.16 -26.63
CA TRP B 566 -3.11 -12.17 -27.06
C TRP B 566 -3.00 -12.84 -28.42
N SER B 567 -3.79 -12.34 -29.37
CA SER B 567 -3.93 -12.96 -30.68
C SER B 567 -2.57 -13.11 -31.36
N LEU B 568 -2.51 -14.05 -32.30
CA LEU B 568 -1.30 -14.22 -33.09
C LEU B 568 -1.01 -12.97 -33.90
N SER B 569 -2.04 -12.34 -34.46
CA SER B 569 -1.84 -11.09 -35.18
C SER B 569 -1.48 -9.95 -34.25
N TYR B 570 -1.98 -9.98 -33.01
CA TYR B 570 -1.52 -9.04 -32.00
C TYR B 570 -0.02 -9.19 -31.77
N VAL B 571 0.44 -10.43 -31.63
CA VAL B 571 1.86 -10.70 -31.41
C VAL B 571 2.68 -10.23 -32.60
N THR B 572 2.22 -10.53 -33.83
CA THR B 572 3.00 -10.17 -35.00
C THR B 572 3.00 -8.66 -35.24
N THR B 573 1.87 -8.00 -35.01
CA THR B 573 1.83 -6.54 -35.12
C THR B 573 2.78 -5.88 -34.14
N LEU B 574 2.73 -6.32 -32.87
CA LEU B 574 3.60 -5.70 -31.87
C LEU B 574 5.06 -6.09 -32.07
N SER B 575 5.32 -7.26 -32.68
CA SER B 575 6.70 -7.63 -32.98
C SER B 575 7.24 -6.82 -34.14
N SER B 576 6.43 -6.55 -35.16
CA SER B 576 6.86 -5.65 -36.22
C SER B 576 7.09 -4.25 -35.69
N PHE B 577 6.21 -3.78 -34.80
CA PHE B 577 6.41 -2.48 -34.17
C PHE B 577 7.71 -2.46 -33.36
N ALA B 578 7.99 -3.54 -32.61
CA ALA B 578 9.20 -3.60 -31.81
C ALA B 578 10.45 -3.65 -32.68
N PHE B 579 10.37 -4.38 -33.79
CA PHE B 579 11.51 -4.43 -34.72
C PHE B 579 11.75 -3.08 -35.36
N PHE B 580 10.68 -2.34 -35.69
CA PHE B 580 10.86 -0.99 -36.21
C PHE B 580 11.43 -0.06 -35.15
N ILE B 581 10.96 -0.19 -33.91
CA ILE B 581 11.50 0.62 -32.81
C ILE B 581 12.99 0.34 -32.66
N LEU B 582 13.37 -0.93 -32.69
CA LEU B 582 14.79 -1.29 -32.58
C LEU B 582 15.57 -0.81 -33.79
N LEU B 583 14.97 -0.85 -34.97
CA LEU B 583 15.65 -0.37 -36.17
C LEU B 583 15.92 1.11 -36.09
N VAL B 584 15.02 1.87 -35.47
CA VAL B 584 15.24 3.30 -35.31
C VAL B 584 16.17 3.59 -34.13
N LEU B 585 16.16 2.74 -33.10
CA LEU B 585 16.91 3.00 -31.88
C LEU B 585 18.36 2.53 -31.95
N TYR B 586 18.63 1.42 -32.62
CA TYR B 586 19.98 0.86 -32.61
C TYR B 586 21.03 1.81 -33.18
N PRO B 587 20.86 2.39 -34.38
CA PRO B 587 21.88 3.32 -34.87
C PRO B 587 21.98 4.56 -34.00
N VAL B 588 20.83 5.15 -33.70
CA VAL B 588 20.78 6.44 -32.99
C VAL B 588 21.44 6.32 -31.63
N VAL B 589 21.11 5.27 -30.88
CA VAL B 589 21.60 5.17 -29.52
C VAL B 589 22.94 4.43 -29.42
N ASP B 590 23.26 3.56 -30.37
CA ASP B 590 24.47 2.75 -30.31
C ASP B 590 25.54 3.22 -31.28
N VAL B 591 25.24 3.25 -32.57
CA VAL B 591 26.29 3.38 -33.58
C VAL B 591 26.59 4.85 -33.80
N LYS B 592 25.61 5.61 -34.28
CA LYS B 592 25.83 7.03 -34.55
C LYS B 592 25.85 7.86 -33.28
N GLY B 593 25.30 7.34 -32.18
CA GLY B 593 25.31 8.09 -30.92
C GLY B 593 24.57 9.40 -30.99
N LEU B 594 23.55 9.50 -31.85
CA LEU B 594 22.85 10.76 -32.01
C LEU B 594 22.12 11.17 -30.74
N TRP B 595 21.53 10.20 -30.04
CA TRP B 595 20.72 10.50 -28.86
C TRP B 595 20.70 9.28 -27.96
N THR B 596 21.37 9.37 -26.81
CA THR B 596 21.17 8.37 -25.77
C THR B 596 19.75 8.49 -25.23
N GLY B 597 19.21 7.37 -24.75
CA GLY B 597 17.83 7.39 -24.29
C GLY B 597 17.65 8.17 -23.01
N THR B 598 18.04 9.45 -23.04
CA THR B 598 18.28 10.26 -21.84
C THR B 598 17.07 10.42 -20.92
N PRO B 599 15.82 10.32 -21.38
CA PRO B 599 14.73 10.21 -20.39
C PRO B 599 14.29 8.77 -20.17
N PHE B 600 14.81 7.83 -20.96
CA PHE B 600 14.25 6.49 -21.07
C PHE B 600 15.11 5.39 -20.47
N PHE B 601 16.42 5.41 -20.66
CA PHE B 601 17.21 4.29 -20.15
C PHE B 601 17.30 4.27 -18.64
N TYR B 602 17.02 5.40 -17.97
CA TYR B 602 17.01 5.41 -16.51
C TYR B 602 15.97 4.45 -15.94
N PRO B 603 14.70 4.45 -16.38
CA PRO B 603 13.82 3.33 -16.02
C PRO B 603 14.16 2.05 -16.75
N GLY B 604 14.84 2.12 -17.89
CA GLY B 604 15.18 0.90 -18.61
C GLY B 604 16.06 -0.03 -17.80
N MET B 605 16.95 0.52 -16.99
CA MET B 605 17.82 -0.30 -16.16
C MET B 605 17.26 -0.56 -14.76
N ASN B 606 16.02 -0.13 -14.47
CA ASN B 606 15.38 -0.44 -13.21
C ASN B 606 13.93 -0.90 -13.40
N SER B 607 13.59 -1.38 -14.59
CA SER B 607 12.24 -1.83 -14.94
C SER B 607 11.48 -2.55 -13.84
N ILE B 608 12.08 -3.57 -13.23
CA ILE B 608 11.35 -4.35 -12.23
C ILE B 608 11.02 -3.49 -11.02
N LEU B 609 11.99 -2.69 -10.56
CA LEU B 609 11.73 -1.78 -9.46
C LEU B 609 10.64 -0.78 -9.82
N VAL B 610 10.69 -0.23 -11.03
CA VAL B 610 9.70 0.76 -11.45
C VAL B 610 8.31 0.14 -11.46
N TYR B 611 8.18 -1.05 -12.03
CA TYR B 611 6.88 -1.71 -12.10
C TYR B 611 6.33 -2.03 -10.71
N VAL B 612 7.15 -2.68 -9.88
CA VAL B 612 6.66 -3.08 -8.56
C VAL B 612 6.35 -1.86 -7.70
N GLY B 613 7.20 -0.84 -7.76
CA GLY B 613 6.96 0.36 -6.97
C GLY B 613 5.74 1.12 -7.43
N HIS B 614 5.53 1.22 -8.74
CA HIS B 614 4.36 1.95 -9.22
C HIS B 614 3.07 1.18 -8.98
N GLU B 615 3.16 -0.15 -8.83
CA GLU B 615 2.01 -0.91 -8.40
C GLU B 615 1.76 -0.71 -6.90
N VAL B 616 2.83 -0.73 -6.10
CA VAL B 616 2.68 -0.58 -4.65
C VAL B 616 2.29 0.84 -4.30
N PHE B 617 3.00 1.83 -4.84
CA PHE B 617 2.82 3.24 -4.50
C PHE B 617 1.93 3.95 -5.50
N GLU B 618 0.93 3.26 -6.05
CA GLU B 618 0.06 3.90 -7.05
C GLU B 618 -0.76 5.02 -6.42
N ASN B 619 -1.24 4.82 -5.20
CA ASN B 619 -2.12 5.77 -4.53
C ASN B 619 -1.38 6.80 -3.70
N TYR B 620 -0.06 6.70 -3.61
CA TYR B 620 0.68 7.56 -2.69
C TYR B 620 0.77 8.98 -3.25
N PHE B 621 1.13 9.93 -2.38
CA PHE B 621 0.95 11.33 -2.71
C PHE B 621 1.62 11.80 -4.00
N PRO B 622 2.92 11.59 -4.21
CA PRO B 622 3.54 12.21 -5.39
C PRO B 622 2.90 11.76 -6.69
N PHE B 623 2.24 10.61 -6.69
CA PHE B 623 1.62 10.05 -7.87
C PHE B 623 0.10 10.21 -7.89
N GLN B 624 -0.51 10.45 -6.73
CA GLN B 624 -1.95 10.63 -6.66
C GLN B 624 -2.29 11.62 -5.57
N TRP B 625 -3.19 12.55 -5.89
CA TRP B 625 -3.68 13.53 -4.94
C TRP B 625 -5.10 13.89 -5.32
N LYS B 626 -5.84 14.43 -4.35
CA LYS B 626 -7.23 14.79 -4.60
C LYS B 626 -7.30 15.97 -5.57
N LEU B 627 -8.16 15.84 -6.58
CA LEU B 627 -8.30 16.84 -7.63
C LEU B 627 -9.48 17.77 -7.33
N LYS B 628 -9.43 18.95 -7.95
CA LYS B 628 -10.53 19.89 -7.80
C LYS B 628 -11.83 19.32 -8.34
N ASP B 629 -11.78 18.67 -9.50
CA ASP B 629 -12.91 17.91 -10.01
C ASP B 629 -12.38 16.69 -10.75
N ASN B 630 -12.84 15.51 -10.35
CA ASN B 630 -12.38 14.29 -10.99
C ASN B 630 -12.95 14.10 -12.39
N GLN B 631 -13.97 14.88 -12.76
CA GLN B 631 -14.52 14.82 -14.12
C GLN B 631 -13.84 15.82 -15.04
N SER B 632 -12.51 15.77 -15.07
CA SER B 632 -11.73 16.68 -15.89
C SER B 632 -10.55 15.92 -16.47
N HIS B 633 -10.47 15.87 -17.81
CA HIS B 633 -9.35 15.21 -18.45
C HIS B 633 -8.05 15.99 -18.25
N LYS B 634 -8.15 17.31 -18.12
CA LYS B 634 -6.95 18.12 -17.94
C LYS B 634 -6.27 17.83 -16.61
N GLU B 635 -7.04 17.81 -15.53
CA GLU B 635 -6.46 17.56 -14.21
C GLU B 635 -5.92 16.14 -14.10
N HIS B 636 -6.66 15.17 -14.62
CA HIS B 636 -6.18 13.79 -14.59
C HIS B 636 -4.93 13.62 -15.42
N LEU B 637 -4.90 14.23 -16.60
CA LEU B 637 -3.70 14.15 -17.45
C LEU B 637 -2.51 14.80 -16.77
N THR B 638 -2.71 15.96 -16.15
CA THR B 638 -1.63 16.61 -15.43
C THR B 638 -1.11 15.74 -14.29
N GLN B 639 -2.03 15.15 -13.53
CA GLN B 639 -1.63 14.28 -12.42
C GLN B 639 -0.85 13.07 -12.92
N ASN B 640 -1.33 12.44 -13.99
CA ASN B 640 -0.66 11.23 -14.49
C ASN B 640 0.69 11.55 -15.12
N ILE B 641 0.80 12.68 -15.80
CA ILE B 641 2.08 13.08 -16.37
C ILE B 641 3.07 13.44 -15.28
N VAL B 642 2.59 14.11 -14.22
CA VAL B 642 3.46 14.43 -13.09
C VAL B 642 3.94 13.15 -12.42
N ALA B 643 3.05 12.17 -12.25
CA ALA B 643 3.43 10.91 -11.64
C ALA B 643 4.43 10.14 -12.50
N THR B 644 4.21 10.13 -13.83
CA THR B 644 5.16 9.47 -14.71
C THR B 644 6.52 10.15 -14.68
N ALA B 645 6.53 11.49 -14.67
CA ALA B 645 7.79 12.23 -14.58
C ALA B 645 8.48 11.95 -13.25
N LEU B 646 7.72 11.82 -12.18
CA LEU B 646 8.31 11.51 -10.89
C LEU B 646 8.89 10.10 -10.87
N TRP B 647 8.25 9.16 -11.57
CA TRP B 647 8.82 7.82 -11.64
C TRP B 647 10.10 7.80 -12.48
N VAL B 648 10.12 8.60 -13.55
CA VAL B 648 11.36 8.75 -14.32
C VAL B 648 12.44 9.37 -13.46
N LEU B 649 12.08 10.35 -12.62
CA LEU B 649 13.04 10.99 -11.73
C LEU B 649 13.56 10.01 -10.68
N ILE B 650 12.68 9.17 -10.14
CA ILE B 650 13.12 8.16 -9.19
C ILE B 650 14.08 7.18 -9.84
N ALA B 651 13.76 6.74 -11.07
CA ALA B 651 14.65 5.85 -11.79
C ALA B 651 15.99 6.50 -12.07
N TYR B 652 15.98 7.79 -12.44
CA TYR B 652 17.23 8.52 -12.68
C TYR B 652 18.05 8.65 -11.40
N ILE B 653 17.39 8.90 -10.27
CA ILE B 653 18.08 8.99 -9.00
C ILE B 653 18.73 7.66 -8.65
N LEU B 654 18.00 6.56 -8.86
CA LEU B 654 18.55 5.24 -8.59
C LEU B 654 19.71 4.92 -9.52
N TYR B 655 19.62 5.33 -10.78
CA TYR B 655 20.73 5.14 -11.70
C TYR B 655 21.96 5.93 -11.24
N ARG B 656 21.75 7.17 -10.80
CA ARG B 656 22.87 8.00 -10.37
C ARG B 656 23.56 7.41 -9.16
N LYS B 657 22.79 6.79 -8.26
CA LYS B 657 23.34 6.11 -7.09
C LYS B 657 23.66 4.65 -7.36
N LYS B 658 23.37 4.14 -8.56
CA LYS B 658 23.65 2.76 -8.95
C LYS B 658 22.99 1.77 -7.99
N ILE B 659 21.66 1.83 -7.93
CA ILE B 659 20.87 0.97 -7.06
C ILE B 659 19.98 0.08 -7.92
N PHE B 660 20.49 -0.35 -9.08
CA PHE B 660 19.75 -1.21 -9.97
C PHE B 660 19.32 -2.50 -9.28
N TRP B 661 18.03 -2.68 -9.07
CA TRP B 661 17.48 -3.92 -8.51
C TRP B 661 17.22 -4.91 -9.64
N LYS B 662 17.73 -6.13 -9.49
CA LYS B 662 17.57 -7.17 -10.49
C LYS B 662 16.97 -8.41 -9.83
N ILE B 663 16.61 -9.37 -10.66
CA ILE B 663 15.97 -10.61 -10.22
C ILE B 663 14.67 -10.29 -9.49
C1 NAG C . -29.30 7.06 38.67
C2 NAG C . -28.68 8.35 38.14
C3 NAG C . -27.75 8.96 39.17
C4 NAG C . -28.43 9.11 40.52
C5 NAG C . -29.04 7.77 40.94
C6 NAG C . -29.84 7.83 42.22
C7 NAG C . -28.36 8.60 35.71
C8 NAG C . -27.49 8.24 34.54
N2 NAG C . -27.97 8.11 36.88
O3 NAG C . -27.29 10.23 38.71
O4 NAG C . -27.45 9.55 41.46
O5 NAG C . -29.93 7.31 39.92
O6 NAG C . -31.05 8.55 42.03
O7 NAG C . -29.35 9.30 35.60
C1 NAG C . -27.88 10.55 42.43
C2 NAG C . -26.62 11.26 43.03
C3 NAG C . -26.33 12.58 42.33
C4 NAG C . -26.95 12.61 40.94
C5 NAG C . -28.46 12.66 41.12
C6 NAG C . -29.21 12.54 39.82
C7 NAG C . -27.64 12.17 45.08
C8 NAG C . -27.55 12.22 46.58
N2 NAG C . -26.71 11.43 44.46
O3 NAG C . -24.92 12.78 42.24
O4 NAG C . -26.52 13.77 40.24
O5 NAG C . -28.89 11.58 41.96
O6 NAG C . -30.61 12.42 40.04
O7 NAG C . -28.51 12.79 44.47
C1 NAG D . -29.51 -17.58 26.45
C2 NAG D . -29.74 -17.99 25.00
C3 NAG D . -31.23 -18.02 24.68
C4 NAG D . -31.97 -18.90 25.69
C5 NAG D . -31.65 -18.44 27.11
C6 NAG D . -32.25 -19.35 28.16
C7 NAG D . -27.94 -17.43 23.43
C8 NAG D . -27.35 -16.38 22.53
N2 NAG D . -29.04 -17.09 24.09
O3 NAG D . -31.42 -18.52 23.37
O4 NAG D . -33.37 -18.80 25.47
O5 NAG D . -30.24 -18.46 27.33
O6 NAG D . -31.25 -19.86 29.04
O7 NAG D . -27.42 -18.54 23.55
N1A ACO E . 25.96 0.58 18.16
C2A ACO E . 26.54 1.62 17.53
N3A ACO E . 26.02 2.41 16.59
C4A ACO E . 24.77 2.06 16.29
C5A ACO E . 24.05 1.02 16.85
C6A ACO E . 24.69 0.25 17.83
N6A ACO E . 24.12 -0.78 18.46
N7A ACO E . 22.78 0.95 16.29
C8A ACO E . 22.77 1.93 15.43
N9A ACO E . 23.94 2.65 15.37
C1B ACO E . 24.24 3.79 14.51
C2B ACO E . 24.18 3.47 13.02
O2B ACO E . 25.44 3.01 12.56
C3B ACO E . 23.87 4.85 12.45
O3B ACO E . 25.10 5.59 12.31
P3B ACO E . 25.75 5.86 10.91
O7A ACO E . 26.27 4.56 10.40
O8A ACO E . 26.84 6.91 11.09
O9A ACO E . 24.65 6.45 10.00
C4B ACO E . 22.99 5.50 13.52
O4B ACO E . 23.26 4.78 14.74
C5B ACO E . 21.51 5.49 13.23
O5B ACO E . 21.14 4.19 12.75
P1A ACO E . 19.64 3.68 12.87
O1A ACO E . 19.55 2.23 12.59
O2A ACO E . 18.77 4.55 11.99
O3A ACO E . 19.29 4.01 14.38
P2A ACO E . 18.05 4.64 15.17
O4A ACO E . 17.91 4.05 16.51
O5A ACO E . 18.24 6.16 15.15
O6A ACO E . 16.85 4.27 14.25
CBP ACO E . 14.69 4.95 13.49
CCP ACO E . 15.98 5.41 14.15
CDP ACO E . 13.89 6.19 13.07
CEP ACO E . 15.05 4.13 12.25
CAP ACO E . 13.86 4.10 14.48
OAP ACO E . 13.61 4.82 15.68
C9P ACO E . 12.58 3.52 13.92
O9P ACO E . 12.61 2.51 13.22
N8P ACO E . 11.44 4.14 14.24
C7P ACO E . 10.14 3.68 13.77
C6P ACO E . 9.30 3.12 14.89
C5P ACO E . 9.12 4.10 16.02
O5P ACO E . 10.00 4.90 16.32
N4P ACO E . 7.95 4.06 16.66
C3P ACO E . 6.89 3.11 16.30
C2P ACO E . 5.57 3.46 16.96
S1P ACO E . 4.33 2.22 16.50
C ACO E . 3.73 1.74 18.09
O ACO E . 3.38 0.62 18.34
CH3 ACO E . 3.72 2.87 19.07
C1 NAG F . -43.12 2.04 31.46
C2 NAG F . -44.13 3.08 31.98
C3 NAG F . -45.37 3.08 31.11
C4 NAG F . -45.01 3.28 29.65
C5 NAG F . -43.97 2.24 29.22
C6 NAG F . -43.47 2.44 27.81
C7 NAG F . -43.97 3.54 34.39
C8 NAG F . -44.44 3.15 35.76
N2 NAG F . -44.47 2.83 33.37
O3 NAG F . -46.25 4.12 31.53
O4 NAG F . -46.16 3.16 28.83
O5 NAG F . -42.83 2.30 30.09
O6 NAG F . -43.82 1.36 26.97
O7 NAG F . -43.17 4.45 34.21
C1 NAG G . -29.43 22.58 -22.09
C2 NAG G . -29.41 23.04 -20.63
C3 NAG G . -30.83 23.28 -20.13
C4 NAG G . -31.56 24.26 -21.07
C5 NAG G . -31.49 23.74 -22.50
C6 NAG G . -32.09 24.71 -23.50
C7 NAG G . -27.82 22.42 -18.86
C8 NAG G . -27.23 21.29 -18.07
N2 NAG G . -28.74 22.07 -19.78
O3 NAG G . -30.80 23.81 -18.81
O4 NAG G . -32.91 24.38 -20.67
O5 NAG G . -30.12 23.55 -22.89
O6 NAG G . -33.50 24.75 -23.41
O7 NAG G . -27.49 23.58 -18.68
N1A ACO H . 21.97 -5.40 -22.79
C2A ACO H . 22.45 -6.50 -22.23
N3A ACO H . 21.93 -7.24 -21.24
C4A ACO H . 20.78 -6.73 -20.81
C5A ACO H . 20.14 -5.59 -21.29
C6A ACO H . 20.79 -4.91 -22.34
N6A ACO H . 20.31 -3.79 -22.90
N7A ACO H . 18.96 -5.36 -20.61
C8A ACO H . 18.90 -6.35 -19.75
N9A ACO H . 19.97 -7.22 -19.82
C1B ACO H . 20.19 -8.39 -19.00
C2B ACO H . 20.54 -8.08 -17.54
O2B ACO H . 21.95 -7.92 -17.40
C3B ACO H . 20.07 -9.35 -16.86
O3B ACO H . 21.04 -10.39 -17.04
P3B ACO H . 22.00 -10.82 -15.88
O7A ACO H . 21.16 -11.44 -14.81
O8A ACO H . 22.74 -9.58 -15.40
O9A ACO H . 23.03 -11.79 -16.46
C4B ACO H . 18.80 -9.70 -17.63
O4B ACO H . 18.98 -9.14 -18.96
C5B ACO H . 17.52 -9.17 -17.04
O5B ACO H . 17.37 -7.78 -17.40
P1A ACO H . 16.19 -6.91 -16.85
O1A ACO H . 16.63 -5.53 -16.53
O2A ACO H . 15.54 -7.66 -15.68
O3A ACO H . 15.15 -6.93 -18.05
P2A ACO H . 13.91 -7.81 -18.51
O4A ACO H . 12.97 -7.04 -19.34
O5A ACO H . 14.48 -9.06 -19.18
O6A ACO H . 13.26 -8.23 -17.14
CBP ACO H . 11.11 -7.43 -16.40
CCP ACO H . 11.85 -8.36 -17.36
CDP ACO H . 10.00 -8.23 -15.71
CEP ACO H . 12.09 -6.91 -15.34
CAP ACO H . 10.50 -6.24 -17.16
OAP ACO H . 9.97 -6.66 -18.41
C9P ACO H . 9.46 -5.45 -16.39
O9P ACO H . 9.80 -4.69 -15.49
N8P ACO H . 8.18 -5.62 -16.74
C7P ACO H . 7.09 -4.92 -16.08
C6P ACO H . 5.80 -5.69 -16.17
C5P ACO H . 5.08 -5.43 -17.47
O5P ACO H . 5.36 -6.05 -18.49
N4P ACO H . 4.13 -4.50 -17.42
C3P ACO H . 3.33 -4.14 -18.59
C2P ACO H . 1.86 -4.42 -18.37
S1P ACO H . 1.05 -2.92 -17.76
C ACO H . 0.13 -2.42 -19.18
O ACO H . -0.17 -1.28 -19.40
CH3 ACO H . -0.24 -3.57 -20.07
C1 NAG I . -47.97 6.03 -24.16
C2 NAG I . -49.35 5.45 -24.48
C3 NAG I . -50.39 6.03 -23.53
C4 NAG I . -49.96 5.82 -22.08
C5 NAG I . -48.55 6.36 -21.86
C6 NAG I . -48.01 6.06 -20.48
C7 NAG I . -49.79 4.74 -26.79
C8 NAG I . -50.18 5.18 -28.16
N2 NAG I . -49.72 5.70 -25.86
O3 NAG I . -51.64 5.40 -23.77
O4 NAG I . -50.86 6.48 -21.21
O5 NAG I . -47.64 5.77 -22.79
O6 NAG I . -46.86 5.23 -20.54
O7 NAG I . -49.55 3.57 -26.51
C1 NAG J . -36.21 -0.52 -32.89
C2 NAG J . -35.43 -1.81 -32.60
C3 NAG J . -34.93 -2.44 -33.89
C4 NAG J . -36.08 -2.63 -34.87
C5 NAG J . -36.81 -1.31 -35.08
C6 NAG J . -38.02 -1.45 -35.97
C7 NAG J . -34.06 -2.33 -30.62
C8 NAG J . -34.99 -3.47 -30.40
N2 NAG J . -34.32 -1.56 -31.69
O3 NAG J . -34.31 -3.68 -33.60
O4 NAG J . -35.59 -3.10 -36.11
O5 NAG J . -37.28 -0.80 -33.81
O6 NAG J . -37.67 -2.00 -37.23
O7 NAG J . -33.12 -2.09 -29.87
#